data_4O5T
#
_entry.id   4O5T
#
_cell.length_a   88.65
_cell.length_b   128.94
_cell.length_c   106.53
_cell.angle_alpha   90.00
_cell.angle_beta   90.00
_cell.angle_gamma   90.00
#
_symmetry.space_group_name_H-M   'C 2 2 21'
#
loop_
_entity.id
_entity.type
_entity.pdbx_description
1 polymer Diisopropyl-fluorophosphatase
2 non-polymer '4-{[2-(phosphonooxy)ethyl]carbamoyl}benzyl [(1R,6S)-6-(dimethylcarbamoyl)cyclohex-2-en-1-yl]carbamate'
3 water water
#
_entity_poly.entity_id   1
_entity_poly.type   'polypeptide(L)'
_entity_poly.pdbx_seq_one_letter_code
;MEIPVIEPLFTKMTEDIPGATGPVFDKNGDFYVVASPLSEALINANSLAEAYEARSDAGEILHIDLKTGKKTVICKPEVN
GYGGSPIGCQCDRDANQLFVADMRLGLLVVQTDGTFEEIANKDSEGRCMQGCAYCAFDYEGNLWITAPAGGVAPADFTIS
LREKFGSIYCFTTDGQMIQVDTAFQCPAGIAVRHMNDGRPYQLIVAEQPTKKLWSYDIKGPANIENKKVWGHIPGTHKGG
AAGMVFDEDNNLLVANWGSSHIEVFGPDGGQPKMRIRCPFEKPANLHFKPQTKTIFVTEHDNNAVWKFEWQRNGKKQYCE
TSKFGIFGSLEHHHHHH
;
_entity_poly.pdbx_strand_id   A,B
#
# COMPACT_ATOMS: atom_id res chain seq x y z
N ILE A 3 33.20 -5.02 -16.52
CA ILE A 3 33.10 -4.15 -15.32
C ILE A 3 34.35 -4.35 -14.47
N PRO A 4 35.11 -3.30 -14.18
CA PRO A 4 36.27 -3.54 -13.32
C PRO A 4 35.85 -3.93 -11.90
N VAL A 5 36.63 -4.80 -11.27
CA VAL A 5 36.42 -5.23 -9.88
C VAL A 5 37.70 -5.01 -9.08
N ILE A 6 37.56 -4.44 -7.87
CA ILE A 6 38.67 -4.38 -6.92
C ILE A 6 38.39 -5.25 -5.72
N GLU A 7 39.45 -5.69 -5.06
CA GLU A 7 39.36 -6.61 -3.91
C GLU A 7 40.17 -6.06 -2.77
N PRO A 8 39.71 -4.93 -2.20
CA PRO A 8 40.55 -4.33 -1.16
C PRO A 8 40.55 -5.14 0.13
N LEU A 9 41.52 -4.87 1.02
CA LEU A 9 41.56 -5.53 2.31
C LEU A 9 40.43 -5.02 3.23
N PHE A 10 39.68 -5.97 3.79
CA PHE A 10 38.66 -5.74 4.84
C PHE A 10 39.18 -6.22 6.21
N THR A 11 39.01 -5.37 7.20
CA THR A 11 39.37 -5.64 8.58
C THR A 11 38.10 -5.73 9.42
N LYS A 12 37.93 -6.84 10.13
CA LYS A 12 36.79 -7.04 11.01
C LYS A 12 36.96 -6.25 12.29
N MET A 13 35.93 -5.48 12.61
CA MET A 13 35.89 -4.66 13.81
C MET A 13 35.12 -5.32 14.98
N THR A 14 33.97 -5.95 14.71
CA THR A 14 33.19 -6.64 15.76
C THR A 14 32.24 -7.63 15.15
N GLU A 15 31.69 -8.51 15.98
CA GLU A 15 30.80 -9.59 15.51
C GLU A 15 29.65 -9.78 16.49
N ASP A 16 28.82 -10.80 16.25
CA ASP A 16 27.74 -11.20 17.15
C ASP A 16 26.74 -10.08 17.34
N ILE A 17 26.49 -9.34 16.27
CA ILE A 17 25.46 -8.35 16.28
C ILE A 17 24.38 -8.75 15.27
N PRO A 18 23.26 -9.32 15.77
CA PRO A 18 22.20 -9.81 14.88
C PRO A 18 21.63 -8.70 14.01
N GLY A 19 21.55 -8.97 12.71
CA GLY A 19 20.98 -8.05 11.75
C GLY A 19 21.69 -6.71 11.68
N ALA A 20 23.00 -6.69 11.94
CA ALA A 20 23.84 -5.48 12.04
C ALA A 20 23.55 -4.51 10.91
N THR A 21 23.24 -3.30 11.32
CA THR A 21 22.92 -2.25 10.40
C THR A 21 23.10 -0.90 11.04
N GLY A 22 22.53 0.12 10.40
CA GLY A 22 22.70 1.51 10.80
C GLY A 22 24.01 2.02 11.38
N PRO A 23 25.15 1.70 10.72
CA PRO A 23 26.44 2.28 11.08
C PRO A 23 26.38 3.79 10.90
N VAL A 24 26.80 4.52 11.92
CA VAL A 24 26.74 5.96 11.90
C VAL A 24 27.75 6.57 12.87
N PHE A 25 28.30 7.72 12.49
CA PHE A 25 29.17 8.54 13.34
C PHE A 25 28.46 9.80 13.81
N ASP A 26 28.59 10.14 15.08
CA ASP A 26 27.98 11.35 15.56
C ASP A 26 28.95 12.53 15.40
N LYS A 27 28.58 13.71 15.87
CA LYS A 27 29.44 14.90 15.72
C LYS A 27 30.73 14.84 16.54
N ASN A 28 30.75 14.02 17.58
CA ASN A 28 31.95 13.80 18.37
C ASN A 28 32.86 12.70 17.83
N GLY A 29 32.45 12.04 16.76
CA GLY A 29 33.23 10.98 16.13
C GLY A 29 33.01 9.62 16.73
N ASP A 30 32.06 9.51 17.66
CA ASP A 30 31.64 8.22 18.22
C ASP A 30 30.85 7.41 17.19
N PHE A 31 31.02 6.08 17.23
CA PHE A 31 30.49 5.20 16.20
C PHE A 31 29.41 4.37 16.85
N TYR A 32 28.26 4.28 16.19
CA TYR A 32 27.12 3.48 16.64
C TYR A 32 26.68 2.49 15.58
N VAL A 33 26.07 1.39 15.98
CA VAL A 33 25.55 0.40 15.03
C VAL A 33 24.21 -0.06 15.61
N VAL A 34 23.37 -0.64 14.77
CA VAL A 34 22.09 -1.15 15.20
C VAL A 34 22.06 -2.66 15.14
N ALA A 35 21.62 -3.30 16.23
CA ALA A 35 21.24 -4.72 16.26
C ALA A 35 19.76 -4.92 15.92
N SER A 36 19.51 -5.85 15.01
CA SER A 36 18.14 -6.09 14.50
C SER A 36 17.76 -7.56 14.43
N PRO A 37 17.23 -8.09 15.56
CA PRO A 37 16.72 -9.47 15.57
C PRO A 37 15.67 -9.76 14.47
N LEU A 38 14.82 -8.80 14.16
CA LEU A 38 13.81 -8.99 13.14
C LEU A 38 14.44 -9.14 11.75
N SER A 39 15.48 -8.34 11.49
CA SER A 39 16.18 -8.42 10.21
C SER A 39 16.73 -9.81 10.09
N GLU A 40 17.45 -10.25 11.11
CA GLU A 40 18.09 -11.56 11.05
C GLU A 40 17.01 -12.63 10.86
N ALA A 41 15.92 -12.54 11.60
CA ALA A 41 14.80 -13.48 11.46
C ALA A 41 14.21 -13.50 10.04
N LEU A 42 13.97 -12.34 9.42
CA LEU A 42 13.44 -12.32 8.05
C LEU A 42 14.36 -13.04 7.06
N ILE A 43 15.65 -13.03 7.36
CA ILE A 43 16.63 -13.74 6.57
C ILE A 43 16.57 -15.26 6.74
N ASN A 44 16.30 -15.70 7.96
CA ASN A 44 16.27 -17.13 8.25
C ASN A 44 14.94 -17.82 7.97
N ALA A 45 13.88 -17.02 7.76
CA ALA A 45 12.53 -17.55 7.58
C ALA A 45 12.26 -18.00 6.15
N ASN A 46 11.23 -18.83 5.99
CA ASN A 46 10.76 -19.24 4.67
C ASN A 46 9.42 -18.60 4.25
N SER A 47 9.05 -17.46 4.86
CA SER A 47 8.00 -16.57 4.33
C SER A 47 7.23 -15.76 5.39
N LEU A 48 6.11 -16.30 5.87
CA LEU A 48 5.22 -15.58 6.78
C LEU A 48 5.70 -15.65 8.21
N ALA A 49 6.54 -16.65 8.51
CA ALA A 49 7.11 -16.89 9.84
C ALA A 49 7.18 -15.67 10.77
N GLU A 50 7.85 -14.61 10.32
CA GLU A 50 7.91 -13.37 11.11
C GLU A 50 6.56 -12.64 11.12
N ALA A 54 5.88 -14.69 14.44
CA ALA A 54 6.96 -15.14 15.31
C ALA A 54 7.61 -13.94 16.00
N ARG A 55 7.29 -13.76 17.28
CA ARG A 55 7.70 -12.57 18.05
C ARG A 55 9.21 -12.48 18.23
N SER A 56 9.79 -11.35 17.82
CA SER A 56 11.22 -11.11 17.93
C SER A 56 11.48 -10.16 19.09
N ASP A 57 12.71 -10.19 19.59
CA ASP A 57 13.13 -9.25 20.63
C ASP A 57 13.29 -7.84 20.06
N ALA A 58 13.24 -6.84 20.92
CA ALA A 58 13.43 -5.46 20.51
C ALA A 58 14.90 -5.20 20.22
N GLY A 59 15.21 -4.84 18.96
CA GLY A 59 16.56 -4.40 18.61
C GLY A 59 16.93 -3.13 19.35
N GLU A 60 18.23 -2.92 19.52
CA GLU A 60 18.71 -1.73 20.19
C GLU A 60 19.89 -1.12 19.42
N ILE A 61 20.27 0.06 19.87
CA ILE A 61 21.39 0.79 19.30
C ILE A 61 22.60 0.68 20.23
N LEU A 62 23.73 0.35 19.61
CA LEU A 62 24.95 0.04 20.32
C LEU A 62 25.96 1.11 19.96
N HIS A 63 26.72 1.53 20.96
CA HIS A 63 27.96 2.27 20.78
C HIS A 63 29.10 1.24 20.63
N ILE A 64 29.95 1.41 19.66
CA ILE A 64 31.01 0.46 19.44
C ILE A 64 32.30 1.23 19.58
N ASP A 65 33.16 0.83 20.50
CA ASP A 65 34.49 1.42 20.60
C ASP A 65 35.34 0.87 19.44
N LEU A 66 35.91 1.74 18.62
CA LEU A 66 36.58 1.25 17.41
C LEU A 66 38.02 0.81 17.62
N LYS A 67 38.53 1.02 18.82
CA LYS A 67 39.87 0.53 19.19
C LYS A 67 39.71 -0.81 19.86
N THR A 68 38.73 -0.89 20.76
CA THR A 68 38.59 -2.10 21.59
C THR A 68 37.50 -3.09 21.15
N GLY A 69 36.53 -2.62 20.36
CA GLY A 69 35.39 -3.43 19.99
C GLY A 69 34.33 -3.61 21.07
N LYS A 70 34.50 -2.99 22.24
CA LYS A 70 33.48 -3.08 23.27
C LYS A 70 32.16 -2.45 22.80
N LYS A 71 31.06 -3.19 22.98
CA LYS A 71 29.73 -2.74 22.60
C LYS A 71 29.05 -2.22 23.86
N THR A 72 28.40 -1.06 23.77
CA THR A 72 27.57 -0.53 24.85
C THR A 72 26.19 -0.28 24.30
N VAL A 73 25.19 -0.86 24.95
CA VAL A 73 23.80 -0.62 24.59
C VAL A 73 23.43 0.79 25.02
N ILE A 74 23.01 1.59 24.06
CA ILE A 74 22.65 2.96 24.28
C ILE A 74 21.14 2.99 24.50
N CYS A 75 20.40 2.32 23.63
CA CYS A 75 18.97 2.37 23.64
C CYS A 75 18.35 1.13 23.00
N LYS A 76 17.36 0.56 23.70
CA LYS A 76 16.54 -0.54 23.18
C LYS A 76 15.12 0.01 23.09
N PRO A 77 14.80 0.62 21.97
CA PRO A 77 13.52 1.27 21.94
C PRO A 77 12.36 0.28 21.90
N GLU A 78 11.40 0.52 22.79
CA GLU A 78 10.06 -0.05 22.68
C GLU A 78 9.03 0.96 23.11
N VAL A 79 7.90 0.93 22.39
CA VAL A 79 6.79 1.77 22.71
C VAL A 79 5.52 0.91 22.81
N ASN A 80 4.97 0.91 24.02
CA ASN A 80 3.68 0.27 24.32
C ASN A 80 3.75 -1.22 24.12
N GLY A 81 4.86 -1.80 24.57
CA GLY A 81 5.11 -3.22 24.49
C GLY A 81 5.72 -3.70 23.16
N TYR A 82 5.67 -2.84 22.14
CA TYR A 82 6.12 -3.16 20.78
C TYR A 82 7.60 -2.81 20.64
N GLY A 83 8.46 -3.83 20.64
CA GLY A 83 9.91 -3.59 20.43
C GLY A 83 10.14 -2.86 19.11
N GLY A 84 11.07 -1.90 19.07
CA GLY A 84 11.39 -1.22 17.84
C GLY A 84 12.26 -2.14 16.99
N SER A 85 12.29 -1.88 15.69
CA SER A 85 13.23 -2.54 14.79
C SER A 85 13.93 -1.41 14.01
N PRO A 86 14.80 -0.67 14.70
CA PRO A 86 15.59 0.32 13.96
C PRO A 86 16.46 -0.31 12.88
N ILE A 87 16.63 0.40 11.76
CA ILE A 87 17.34 -0.15 10.64
C ILE A 87 18.28 0.82 10.05
N GLY A 88 18.07 2.13 10.15
CA GLY A 88 18.99 3.10 9.52
C GLY A 88 19.18 4.35 10.34
N CYS A 89 20.39 4.93 10.39
CA CYS A 89 20.69 6.10 11.25
C CYS A 89 21.41 7.22 10.54
N GLN A 90 21.04 8.44 10.93
CA GLN A 90 21.78 9.61 10.51
C GLN A 90 21.88 10.53 11.73
N CYS A 91 22.96 11.31 11.79
CA CYS A 91 23.20 12.25 12.87
C CYS A 91 22.68 13.63 12.44
N ASP A 92 22.00 14.31 13.35
CA ASP A 92 21.52 15.70 13.12
C ASP A 92 22.67 16.67 13.07
N ARG A 93 22.40 17.88 12.56
CA ARG A 93 23.46 18.86 12.46
C ARG A 93 23.42 19.82 13.65
N ASP A 94 22.25 20.39 13.87
N ASP A 94 22.25 20.41 13.88
CA ASP A 94 22.00 21.30 15.00
CA ASP A 94 22.10 21.47 14.88
C ASP A 94 21.70 20.51 16.26
C ASP A 94 22.08 20.95 16.33
N ALA A 95 22.75 20.14 16.98
N ALA A 95 22.03 19.63 16.49
CA ALA A 95 22.62 19.30 18.17
CA ALA A 95 22.12 19.01 17.80
C ALA A 95 23.09 17.88 17.86
C ALA A 95 22.73 17.63 17.68
N ASN A 96 23.49 17.16 18.89
N ASN A 96 23.38 17.15 18.73
CA ASN A 96 24.03 15.82 18.71
CA ASN A 96 24.01 15.84 18.69
C ASN A 96 23.00 14.74 19.05
C ASN A 96 23.02 14.74 19.05
N GLN A 97 22.23 14.31 18.06
CA GLN A 97 21.18 13.34 18.28
C GLN A 97 21.06 12.51 17.02
N LEU A 98 20.60 11.28 17.15
CA LEU A 98 20.48 10.43 16.00
C LEU A 98 19.02 10.33 15.56
N PHE A 99 18.82 10.41 14.25
CA PHE A 99 17.53 10.15 13.63
C PHE A 99 17.57 8.73 13.11
N VAL A 100 16.62 7.94 13.59
CA VAL A 100 16.64 6.53 13.39
C VAL A 100 15.32 6.08 12.75
N ALA A 101 15.41 5.51 11.54
CA ALA A 101 14.26 4.89 10.87
C ALA A 101 13.96 3.51 11.48
N ASP A 102 12.72 3.23 11.82
CA ASP A 102 12.40 2.04 12.60
C ASP A 102 11.19 1.38 11.93
N MET A 103 11.28 0.09 11.72
CA MET A 103 10.28 -0.57 10.90
C MET A 103 8.99 -0.81 11.67
N ARG A 104 9.08 -0.74 13.00
CA ARG A 104 7.89 -0.88 13.86
C ARG A 104 7.38 0.44 14.45
N LEU A 105 8.25 1.44 14.56
CA LEU A 105 7.90 2.62 15.31
C LEU A 105 7.93 3.90 14.51
N GLY A 106 8.45 3.84 13.29
CA GLY A 106 8.39 5.00 12.42
C GLY A 106 9.71 5.76 12.41
N LEU A 107 9.68 7.05 12.67
CA LEU A 107 10.94 7.81 12.81
C LEU A 107 11.21 8.12 14.29
N LEU A 108 12.41 7.79 14.78
CA LEU A 108 12.82 8.16 16.15
C LEU A 108 13.90 9.21 16.15
N VAL A 109 13.94 9.98 17.23
CA VAL A 109 15.10 10.78 17.54
C VAL A 109 15.64 10.22 18.84
N VAL A 110 16.90 9.83 18.80
CA VAL A 110 17.54 9.13 19.89
C VAL A 110 18.72 9.97 20.43
N GLN A 111 18.74 10.19 21.75
CA GLN A 111 19.84 10.91 22.39
C GLN A 111 20.92 9.94 22.78
N THR A 112 22.11 10.47 22.90
CA THR A 112 23.21 9.67 23.34
C THR A 112 23.04 9.08 24.74
N ASP A 113 22.22 9.69 25.59
CA ASP A 113 21.97 9.14 26.94
C ASP A 113 20.86 8.09 26.92
N GLY A 114 20.28 7.86 25.73
CA GLY A 114 19.38 6.72 25.53
C GLY A 114 17.89 7.02 25.57
N THR A 115 17.51 8.25 25.91
CA THR A 115 16.13 8.69 25.76
C THR A 115 15.84 8.83 24.28
N PHE A 116 14.58 8.70 23.90
CA PHE A 116 14.17 8.84 22.51
C PHE A 116 12.74 9.31 22.43
N GLU A 117 12.39 9.95 21.31
CA GLU A 117 11.05 10.43 21.02
C GLU A 117 10.62 9.79 19.71
N GLU A 118 9.37 9.35 19.65
CA GLU A 118 8.74 8.90 18.42
C GLU A 118 8.22 10.13 17.75
N ILE A 119 8.57 10.33 16.49
CA ILE A 119 8.25 11.57 15.80
C ILE A 119 6.87 11.68 15.20
N ALA A 120 6.34 10.58 14.69
CA ALA A 120 5.07 10.66 13.98
C ALA A 120 4.23 9.41 14.11
N ASN A 121 3.06 9.56 14.73
CA ASN A 121 2.03 8.54 14.69
C ASN A 121 1.42 8.52 13.28
N LYS A 122 1.28 9.69 12.65
CA LYS A 122 0.63 9.80 11.33
C LYS A 122 1.32 10.84 10.47
N ASP A 123 1.01 10.83 9.17
CA ASP A 123 1.61 11.76 8.23
C ASP A 123 0.76 13.01 8.11
N SER A 124 1.16 13.93 7.26
CA SER A 124 0.55 15.24 7.21
C SER A 124 -0.85 15.22 6.57
N GLU A 125 -1.07 14.31 5.62
CA GLU A 125 -2.41 14.12 5.07
C GLU A 125 -3.29 13.45 6.10
N GLY A 126 -2.69 12.88 7.15
CA GLY A 126 -3.42 12.28 8.27
C GLY A 126 -3.53 10.76 8.24
N ARG A 127 -2.91 10.13 7.24
CA ARG A 127 -2.91 8.68 7.16
C ARG A 127 -1.92 8.11 8.18
N CYS A 128 -2.18 6.88 8.60
CA CYS A 128 -1.30 6.19 9.51
C CYS A 128 0.14 6.18 8.96
N MET A 129 1.10 6.03 9.86
CA MET A 129 2.51 5.95 9.46
C MET A 129 2.92 4.52 9.12
N GLN A 130 3.76 4.36 8.10
CA GLN A 130 4.42 3.05 7.86
C GLN A 130 5.83 2.92 8.49
N GLY A 131 6.23 1.69 8.76
CA GLY A 131 7.54 1.37 9.31
C GLY A 131 8.60 1.84 8.31
N CYS A 132 9.67 2.41 8.85
CA CYS A 132 10.70 3.09 8.08
C CYS A 132 11.97 2.28 8.17
N ALA A 133 12.82 2.39 7.16
CA ALA A 133 14.03 1.57 7.11
C ALA A 133 15.27 2.45 6.95
N TYR A 134 15.32 3.26 5.90
CA TYR A 134 16.57 3.99 5.58
C TYR A 134 16.24 5.46 5.50
N CYS A 135 17.23 6.29 5.76
CA CYS A 135 17.05 7.73 5.67
C CYS A 135 18.32 8.47 5.34
N ALA A 136 18.11 9.64 4.76
CA ALA A 136 19.18 10.52 4.36
C ALA A 136 18.74 11.98 4.55
N PHE A 137 19.55 12.74 5.26
CA PHE A 137 19.37 14.21 5.28
C PHE A 137 19.87 14.87 4.00
N ASP A 138 19.07 15.79 3.46
CA ASP A 138 19.62 16.80 2.54
C ASP A 138 20.30 17.91 3.31
N TYR A 139 21.00 18.78 2.60
CA TYR A 139 21.79 19.81 3.25
C TYR A 139 20.92 20.94 3.83
N GLU A 140 19.63 20.93 3.48
CA GLU A 140 18.65 21.83 4.05
C GLU A 140 18.12 21.33 5.38
N GLY A 141 18.38 20.07 5.71
CA GLY A 141 17.89 19.57 6.95
C GLY A 141 16.62 18.78 6.80
N ASN A 142 16.16 18.53 5.57
CA ASN A 142 14.96 17.73 5.36
C ASN A 142 15.40 16.28 5.31
N LEU A 143 14.68 15.41 6.01
CA LEU A 143 15.03 13.98 6.04
C LEU A 143 14.16 13.13 5.11
N TRP A 144 14.80 12.54 4.11
CA TRP A 144 14.12 11.63 3.19
C TRP A 144 14.20 10.21 3.71
N ILE A 145 13.09 9.50 3.64
CA ILE A 145 12.97 8.26 4.36
C ILE A 145 12.32 7.19 3.52
N THR A 146 12.80 5.95 3.58
CA THR A 146 12.10 4.85 2.95
C THR A 146 11.28 4.10 3.96
N ALA A 147 10.14 3.63 3.48
CA ALA A 147 9.23 2.91 4.32
C ALA A 147 8.69 1.63 3.67
N PRO A 148 9.45 0.54 3.80
CA PRO A 148 9.05 -0.73 3.19
C PRO A 148 8.01 -1.54 3.97
N ALA A 149 7.73 -1.14 5.21
CA ALA A 149 6.83 -1.91 6.04
C ALA A 149 5.40 -1.40 5.90
N GLY A 150 4.47 -2.15 6.46
CA GLY A 150 3.09 -1.68 6.57
C GLY A 150 3.02 -0.64 7.67
N GLY A 151 1.83 -0.49 8.25
CA GLY A 151 1.68 0.43 9.37
C GLY A 151 2.59 0.12 10.55
N VAL A 152 2.97 1.18 11.24
CA VAL A 152 3.65 1.07 12.53
C VAL A 152 2.84 0.30 13.57
N ALA A 153 3.50 -0.17 14.61
CA ALA A 153 2.78 -0.79 15.73
C ALA A 153 1.66 0.16 16.12
N PRO A 154 0.50 -0.39 16.52
CA PRO A 154 0.19 -1.81 16.78
C PRO A 154 -0.27 -2.70 15.60
N ALA A 155 -0.31 -2.19 14.37
CA ALA A 155 -0.56 -3.07 13.21
C ALA A 155 0.40 -4.25 13.19
N ASP A 156 -0.08 -5.40 12.69
CA ASP A 156 0.77 -6.56 12.50
C ASP A 156 1.91 -6.15 11.58
N PHE A 157 3.07 -6.74 11.78
CA PHE A 157 4.22 -6.42 10.94
C PHE A 157 4.08 -7.07 9.56
N THR A 158 4.28 -6.26 8.52
CA THR A 158 4.48 -6.77 7.16
C THR A 158 5.49 -5.89 6.44
N ILE A 159 6.09 -6.47 5.40
CA ILE A 159 7.04 -5.77 4.55
C ILE A 159 6.78 -6.06 3.06
N SER A 160 6.97 -5.03 2.24
CA SER A 160 6.61 -5.06 0.83
C SER A 160 7.64 -5.82 -0.05
N LEU A 161 8.13 -6.94 0.42
CA LEU A 161 9.16 -7.68 -0.27
C LEU A 161 8.60 -8.41 -1.46
N ARG A 162 7.32 -8.80 -1.42
CA ARG A 162 6.62 -9.42 -2.57
C ARG A 162 5.52 -8.53 -3.26
N GLU A 163 4.90 -7.57 -2.54
CA GLU A 163 3.85 -6.72 -3.10
C GLU A 163 4.21 -5.23 -2.98
N LYS A 164 3.55 -4.41 -3.80
CA LYS A 164 3.88 -3.03 -3.89
C LYS A 164 3.06 -2.22 -2.87
N PHE A 165 3.67 -1.95 -1.74
CA PHE A 165 3.03 -1.01 -0.80
C PHE A 165 4.02 -0.18 -0.01
N GLY A 166 5.31 -0.29 -0.34
CA GLY A 166 6.34 0.52 0.35
C GLY A 166 6.24 1.98 -0.05
N SER A 167 6.51 2.89 0.89
CA SER A 167 6.37 4.34 0.61
C SER A 167 7.67 5.13 0.86
N ILE A 168 7.70 6.36 0.37
CA ILE A 168 8.78 7.32 0.60
C ILE A 168 8.21 8.53 1.33
N TYR A 169 8.91 9.00 2.35
CA TYR A 169 8.54 10.22 3.07
C TYR A 169 9.64 11.25 3.06
N CYS A 170 9.22 12.48 3.28
CA CYS A 170 10.09 13.57 3.62
C CYS A 170 9.60 14.18 4.93
N PHE A 171 10.48 14.18 5.93
CA PHE A 171 10.23 14.89 7.17
C PHE A 171 10.94 16.20 7.05
N THR A 172 10.15 17.26 6.98
CA THR A 172 10.69 18.56 6.67
C THR A 172 11.17 19.33 7.89
N THR A 173 11.98 20.35 7.64
CA THR A 173 12.48 21.21 8.69
C THR A 173 11.37 21.96 9.50
N ASP A 174 10.13 22.00 9.00
CA ASP A 174 8.94 22.44 9.75
C ASP A 174 8.19 21.31 10.44
N GLY A 175 8.80 20.15 10.54
CA GLY A 175 8.22 19.08 11.30
C GLY A 175 7.00 18.42 10.67
N GLN A 176 6.82 18.59 9.38
CA GLN A 176 5.78 17.85 8.66
C GLN A 176 6.31 16.56 8.05
N MET A 177 5.61 15.44 8.30
CA MET A 177 5.93 14.15 7.72
C MET A 177 5.06 13.98 6.47
N ILE A 178 5.64 14.26 5.30
CA ILE A 178 4.87 14.20 4.06
C ILE A 178 5.16 12.93 3.28
N GLN A 179 4.14 12.15 2.99
CA GLN A 179 4.27 11.02 2.08
C GLN A 179 4.47 11.59 0.69
N VAL A 180 5.60 11.24 0.06
CA VAL A 180 5.94 11.74 -1.27
C VAL A 180 5.78 10.71 -2.40
N ASP A 181 5.85 9.42 -2.10
CA ASP A 181 5.49 8.42 -3.11
C ASP A 181 5.15 7.12 -2.42
N THR A 182 4.68 6.11 -3.18
CA THR A 182 4.26 4.82 -2.64
C THR A 182 4.17 3.73 -3.73
N ALA A 183 3.78 2.53 -3.33
CA ALA A 183 3.73 1.32 -4.19
C ALA A 183 5.12 0.89 -4.69
N PHE A 184 6.09 0.96 -3.78
CA PHE A 184 7.40 0.38 -4.03
C PHE A 184 7.39 -1.02 -3.52
N GLN A 185 8.19 -1.86 -4.18
CA GLN A 185 8.41 -3.18 -3.70
C GLN A 185 9.71 -3.19 -2.90
N CYS A 186 9.60 -2.85 -1.62
CA CYS A 186 10.70 -2.90 -0.65
C CYS A 186 11.78 -1.89 -1.00
N PRO A 187 11.40 -0.61 -0.88
CA PRO A 187 12.35 0.45 -0.98
C PRO A 187 13.37 0.31 0.16
N ALA A 188 14.65 0.49 -0.14
CA ALA A 188 15.72 0.18 0.82
C ALA A 188 16.61 1.40 0.93
N GLY A 189 17.89 1.31 0.58
CA GLY A 189 18.77 2.46 0.70
C GLY A 189 18.29 3.68 -0.02
N ILE A 190 18.75 4.81 0.49
CA ILE A 190 18.30 6.11 -0.01
C ILE A 190 19.41 7.11 0.19
N ALA A 191 19.51 8.05 -0.77
CA ALA A 191 20.57 9.04 -0.82
C ALA A 191 20.12 10.27 -1.57
N VAL A 192 20.81 11.38 -1.27
CA VAL A 192 20.59 12.67 -1.93
C VAL A 192 21.88 13.08 -2.59
N ARG A 193 21.80 13.25 -3.89
CA ARG A 193 22.86 13.77 -4.67
C ARG A 193 22.77 15.29 -4.62
N HIS A 194 23.88 15.95 -4.28
CA HIS A 194 23.88 17.40 -4.18
C HIS A 194 24.75 17.94 -5.25
N MET A 195 24.40 19.14 -5.72
CA MET A 195 25.31 19.87 -6.59
C MET A 195 26.52 20.37 -5.82
N ASN A 196 27.57 20.71 -6.56
CA ASN A 196 28.72 21.20 -5.88
C ASN A 196 28.44 22.45 -5.08
N ASP A 197 27.42 23.24 -5.43
CA ASP A 197 27.10 24.43 -4.69
C ASP A 197 26.18 24.17 -3.49
N GLY A 198 25.98 22.91 -3.13
CA GLY A 198 25.20 22.57 -1.98
C GLY A 198 23.73 22.37 -2.26
N ARG A 199 23.28 22.63 -3.48
CA ARG A 199 21.86 22.44 -3.78
C ARG A 199 21.50 20.97 -3.91
N PRO A 200 20.42 20.52 -3.22
CA PRO A 200 19.90 19.16 -3.46
C PRO A 200 19.34 19.00 -4.87
N TYR A 201 19.62 17.89 -5.53
CA TYR A 201 19.38 17.75 -6.95
C TYR A 201 18.59 16.48 -7.29
N GLN A 202 19.06 15.33 -6.79
CA GLN A 202 18.45 14.09 -7.13
C GLN A 202 18.30 13.28 -5.85
N LEU A 203 17.17 12.59 -5.77
CA LEU A 203 16.88 11.57 -4.76
C LEU A 203 17.01 10.17 -5.38
N ILE A 204 17.89 9.36 -4.81
CA ILE A 204 18.12 8.00 -5.28
C ILE A 204 17.54 7.05 -4.24
N VAL A 205 16.73 6.11 -4.71
CA VAL A 205 16.07 5.14 -3.90
C VAL A 205 16.27 3.76 -4.50
N ALA A 206 16.80 2.84 -3.69
CA ALA A 206 16.90 1.44 -4.05
C ALA A 206 15.57 0.73 -3.89
N GLU A 207 15.18 -0.06 -4.89
CA GLU A 207 14.05 -0.96 -4.77
C GLU A 207 14.68 -2.34 -4.74
N GLN A 208 14.75 -2.97 -3.59
CA GLN A 208 15.70 -4.05 -3.39
C GLN A 208 15.55 -5.35 -4.27
N PRO A 209 14.46 -6.12 -4.08
CA PRO A 209 14.30 -7.32 -4.89
C PRO A 209 14.20 -7.10 -6.39
N THR A 210 13.84 -5.91 -6.84
CA THR A 210 13.66 -5.64 -8.27
C THR A 210 14.95 -5.27 -8.99
N LYS A 211 16.06 -5.26 -8.23
CA LYS A 211 17.38 -4.97 -8.77
C LYS A 211 17.41 -3.64 -9.51
N LYS A 212 16.66 -2.67 -9.00
CA LYS A 212 16.63 -1.35 -9.59
C LYS A 212 16.92 -0.22 -8.59
N LEU A 213 17.50 0.87 -9.09
CA LEU A 213 17.64 2.15 -8.36
C LEU A 213 16.81 3.15 -9.10
N TRP A 214 15.93 3.83 -8.37
CA TRP A 214 15.09 4.87 -8.94
C TRP A 214 15.63 6.23 -8.64
N SER A 215 15.39 7.20 -9.50
CA SER A 215 15.68 8.59 -9.16
C SER A 215 14.49 9.53 -9.33
N TYR A 216 14.56 10.63 -8.58
CA TYR A 216 13.68 11.76 -8.76
C TYR A 216 14.51 13.01 -8.77
N ASP A 217 14.02 14.01 -9.47
CA ASP A 217 14.58 15.33 -9.33
C ASP A 217 13.96 16.09 -8.15
N ILE A 218 14.81 16.69 -7.31
CA ILE A 218 14.33 17.40 -6.13
C ILE A 218 14.24 18.87 -6.43
N LYS A 219 13.06 19.45 -6.23
CA LYS A 219 12.84 20.87 -6.52
C LYS A 219 12.57 21.64 -5.23
N GLY A 220 12.48 20.92 -4.12
CA GLY A 220 12.31 21.54 -2.84
C GLY A 220 11.84 20.57 -1.81
N PRO A 221 11.77 21.03 -0.56
CA PRO A 221 11.25 20.23 0.53
C PRO A 221 9.99 19.47 0.12
N ALA A 222 10.08 18.15 0.12
CA ALA A 222 8.98 17.24 -0.17
C ALA A 222 8.43 17.47 -1.57
N ASN A 223 9.28 17.91 -2.49
CA ASN A 223 8.86 18.25 -3.84
C ASN A 223 9.75 17.56 -4.88
N ILE A 224 9.25 16.43 -5.35
CA ILE A 224 9.98 15.62 -6.31
C ILE A 224 9.18 15.30 -7.57
N GLU A 225 9.90 15.07 -8.66
CA GLU A 225 9.26 14.76 -9.95
C GLU A 225 10.20 13.93 -10.81
N ASN A 226 9.77 13.63 -12.03
CA ASN A 226 10.62 13.01 -13.01
C ASN A 226 11.13 11.63 -12.56
N LYS A 227 10.26 10.87 -11.91
CA LYS A 227 10.56 9.53 -11.42
C LYS A 227 11.05 8.69 -12.61
N LYS A 228 12.26 8.14 -12.52
CA LYS A 228 12.91 7.30 -13.56
C LYS A 228 13.72 6.15 -12.96
N VAL A 229 13.94 5.06 -13.71
CA VAL A 229 14.87 4.02 -13.29
C VAL A 229 16.20 4.70 -13.57
N TRP A 230 17.09 4.72 -12.58
CA TRP A 230 18.35 5.44 -12.67
C TRP A 230 19.56 4.50 -12.79
N GLY A 231 19.46 3.33 -12.16
CA GLY A 231 20.55 2.36 -12.15
C GLY A 231 20.11 0.94 -12.12
N HIS A 232 20.86 0.10 -12.82
CA HIS A 232 20.66 -1.31 -12.83
C HIS A 232 21.63 -2.05 -11.91
N ILE A 233 21.07 -2.87 -11.02
CA ILE A 233 21.83 -3.66 -10.08
C ILE A 233 22.01 -5.11 -10.60
N PRO A 234 23.25 -5.56 -10.82
CA PRO A 234 23.41 -6.91 -11.40
C PRO A 234 23.07 -8.08 -10.45
N GLY A 235 22.77 -9.24 -11.05
CA GLY A 235 22.68 -10.50 -10.33
C GLY A 235 21.24 -10.90 -10.13
N THR A 236 20.98 -12.21 -9.97
CA THR A 236 19.63 -12.71 -9.81
C THR A 236 19.37 -13.32 -8.45
N HIS A 237 20.39 -13.29 -7.59
CA HIS A 237 20.37 -13.70 -6.19
C HIS A 237 19.21 -13.12 -5.44
N LYS A 238 18.81 -13.83 -4.39
CA LYS A 238 17.95 -13.31 -3.33
C LYS A 238 18.65 -12.08 -2.75
N GLY A 239 17.96 -10.95 -2.78
CA GLY A 239 18.54 -9.69 -2.27
C GLY A 239 18.51 -8.60 -3.31
N GLY A 240 19.57 -7.81 -3.31
CA GLY A 240 19.60 -6.63 -4.13
C GLY A 240 20.14 -5.47 -3.32
N ALA A 241 19.97 -4.26 -3.81
CA ALA A 241 20.59 -3.11 -3.17
C ALA A 241 20.00 -2.89 -1.78
N ALA A 242 20.86 -2.74 -0.79
CA ALA A 242 20.46 -2.35 0.55
C ALA A 242 20.94 -0.93 0.84
N GLY A 243 21.90 -0.73 1.76
CA GLY A 243 22.40 0.63 2.02
C GLY A 243 23.27 1.21 0.93
N MET A 244 23.46 2.51 0.96
CA MET A 244 24.20 3.20 -0.08
C MET A 244 24.73 4.52 0.46
N VAL A 245 25.86 4.97 -0.07
CA VAL A 245 26.45 6.25 0.34
C VAL A 245 27.20 6.87 -0.80
N PHE A 246 27.27 8.19 -0.84
CA PHE A 246 28.11 8.89 -1.82
C PHE A 246 29.53 9.12 -1.32
N ASP A 247 30.49 9.12 -2.26
CA ASP A 247 31.84 9.62 -2.00
C ASP A 247 31.96 11.09 -2.42
N GLU A 248 33.15 11.66 -2.20
CA GLU A 248 33.30 13.12 -2.40
C GLU A 248 33.11 13.51 -3.87
N ASP A 249 33.32 12.55 -4.76
CA ASP A 249 33.14 12.79 -6.19
C ASP A 249 31.73 12.50 -6.69
N ASN A 250 30.81 12.24 -5.76
CA ASN A 250 29.42 11.85 -6.06
C ASN A 250 29.27 10.53 -6.81
N ASN A 251 30.24 9.62 -6.67
CA ASN A 251 30.00 8.21 -7.00
C ASN A 251 29.16 7.63 -5.89
N LEU A 252 28.23 6.77 -6.26
CA LEU A 252 27.30 6.14 -5.33
C LEU A 252 27.75 4.70 -5.10
N LEU A 253 28.09 4.36 -3.84
CA LEU A 253 28.44 3.00 -3.46
C LEU A 253 27.21 2.34 -2.84
N VAL A 254 26.89 1.13 -3.29
CA VAL A 254 25.67 0.46 -2.93
C VAL A 254 25.98 -0.97 -2.49
N ALA A 255 25.54 -1.35 -1.29
CA ALA A 255 25.70 -2.72 -0.83
C ALA A 255 24.71 -3.57 -1.61
N ASN A 256 25.18 -4.60 -2.27
CA ASN A 256 24.32 -5.45 -3.08
C ASN A 256 24.19 -6.76 -2.33
N TRP A 257 23.21 -6.79 -1.43
CA TRP A 257 23.06 -7.87 -0.48
C TRP A 257 22.80 -9.17 -1.22
N GLY A 258 23.61 -10.19 -0.91
CA GLY A 258 23.55 -11.48 -1.58
C GLY A 258 24.49 -11.69 -2.75
N SER A 259 25.02 -10.59 -3.32
CA SER A 259 25.95 -10.65 -4.46
C SER A 259 27.45 -10.75 -4.13
N SER A 260 27.83 -10.60 -2.84
CA SER A 260 29.23 -10.42 -2.40
C SER A 260 29.95 -9.16 -2.90
N HIS A 261 29.19 -8.21 -3.43
CA HIS A 261 29.80 -7.00 -3.95
C HIS A 261 29.12 -5.76 -3.43
N ILE A 262 29.90 -4.69 -3.34
CA ILE A 262 29.41 -3.32 -3.33
C ILE A 262 29.58 -2.79 -4.75
N GLU A 263 28.52 -2.18 -5.28
CA GLU A 263 28.50 -1.63 -6.62
C GLU A 263 28.85 -0.16 -6.57
N VAL A 264 29.58 0.30 -7.58
CA VAL A 264 29.91 1.71 -7.67
C VAL A 264 29.35 2.33 -8.93
N PHE A 265 28.50 3.35 -8.74
CA PHE A 265 27.89 4.03 -9.85
C PHE A 265 28.53 5.39 -9.94
N GLY A 266 28.77 5.82 -11.16
CA GLY A 266 29.11 7.20 -11.42
C GLY A 266 27.89 8.08 -11.26
N PRO A 267 28.13 9.39 -11.26
CA PRO A 267 27.10 10.40 -11.12
C PRO A 267 25.88 10.32 -12.04
N ASP A 268 26.03 9.81 -13.26
CA ASP A 268 24.90 9.70 -14.20
C ASP A 268 24.19 8.37 -14.11
N GLY A 269 24.52 7.55 -13.12
CA GLY A 269 23.94 6.22 -13.01
C GLY A 269 24.23 5.27 -14.17
N GLY A 270 23.20 4.54 -14.56
CA GLY A 270 23.28 3.50 -15.58
C GLY A 270 23.69 2.15 -15.02
N GLN A 271 24.79 1.61 -15.53
CA GLN A 271 25.33 0.34 -15.06
C GLN A 271 26.44 0.70 -14.06
N PRO A 272 26.74 -0.20 -13.09
CA PRO A 272 27.92 0.08 -12.23
C PRO A 272 29.17 0.33 -13.08
N LYS A 273 30.02 1.26 -12.69
CA LYS A 273 31.30 1.41 -13.35
C LYS A 273 32.41 0.51 -12.78
N MET A 274 32.20 0.01 -11.58
CA MET A 274 33.19 -0.79 -10.87
C MET A 274 32.45 -1.56 -9.80
N ARG A 275 32.99 -2.68 -9.35
CA ARG A 275 32.41 -3.42 -8.21
C ARG A 275 33.50 -3.65 -7.18
N ILE A 276 33.12 -3.74 -5.91
CA ILE A 276 34.05 -4.03 -4.86
C ILE A 276 33.75 -5.43 -4.30
N ARG A 277 34.64 -6.37 -4.50
CA ARG A 277 34.42 -7.72 -3.98
C ARG A 277 34.62 -7.74 -2.47
N CYS A 278 33.62 -8.25 -1.74
CA CYS A 278 33.65 -8.39 -0.29
C CYS A 278 34.00 -9.84 0.08
N PRO A 279 34.58 -10.07 1.26
CA PRO A 279 34.82 -11.43 1.73
C PRO A 279 33.60 -12.04 2.39
N PHE A 280 32.43 -11.64 1.95
CA PHE A 280 31.18 -12.17 2.44
C PHE A 280 30.15 -11.87 1.39
N GLU A 281 29.04 -12.61 1.46
CA GLU A 281 28.00 -12.57 0.44
C GLU A 281 26.98 -11.44 0.65
N LYS A 282 26.84 -11.01 1.91
CA LYS A 282 25.69 -10.17 2.32
C LYS A 282 26.11 -8.86 2.95
N PRO A 283 26.80 -8.00 2.18
CA PRO A 283 26.92 -6.64 2.72
C PRO A 283 25.54 -6.02 2.84
N ALA A 284 25.26 -5.35 3.96
CA ALA A 284 23.93 -4.75 4.22
C ALA A 284 23.86 -3.21 4.25
N ASN A 285 24.84 -2.58 4.89
CA ASN A 285 24.84 -1.15 4.99
C ASN A 285 26.26 -0.62 5.15
N LEU A 286 26.46 0.64 4.87
CA LEU A 286 27.77 1.18 4.87
C LEU A 286 27.72 2.68 5.14
N HIS A 287 28.79 3.17 5.75
CA HIS A 287 28.91 4.57 6.14
C HIS A 287 30.37 4.96 6.22
N PHE A 288 30.71 6.18 5.80
CA PHE A 288 32.10 6.62 5.91
C PHE A 288 32.42 7.17 7.30
N LYS A 289 33.66 6.95 7.72
CA LYS A 289 34.23 7.69 8.83
C LYS A 289 34.51 9.10 8.32
N PRO A 290 33.99 10.12 9.02
CA PRO A 290 34.08 11.51 8.51
C PRO A 290 35.51 11.95 8.24
N GLN A 291 35.69 12.71 7.14
CA GLN A 291 36.99 13.21 6.70
C GLN A 291 38.04 12.11 6.51
N THR A 292 37.59 10.95 6.03
CA THR A 292 38.46 9.82 5.77
C THR A 292 37.95 9.10 4.54
N LYS A 293 38.75 8.14 4.10
CA LYS A 293 38.39 7.27 2.99
C LYS A 293 37.89 5.95 3.55
N THR A 294 37.65 5.89 4.85
CA THR A 294 37.44 4.60 5.47
C THR A 294 35.93 4.34 5.49
N ILE A 295 35.51 3.20 4.97
CA ILE A 295 34.12 2.80 4.92
C ILE A 295 33.87 1.67 5.90
N PHE A 296 32.87 1.86 6.73
CA PHE A 296 32.42 0.86 7.64
C PHE A 296 31.23 0.17 7.00
N VAL A 297 31.27 -1.16 7.03
CA VAL A 297 30.27 -2.02 6.39
C VAL A 297 29.76 -3.08 7.34
N THR A 298 28.45 -3.20 7.38
CA THR A 298 27.79 -4.20 8.14
C THR A 298 27.37 -5.37 7.23
N GLU A 299 27.32 -6.55 7.82
CA GLU A 299 27.30 -7.77 7.01
C GLU A 299 26.56 -8.91 7.71
N HIS A 300 25.78 -9.68 6.97
CA HIS A 300 24.82 -10.61 7.57
C HIS A 300 25.23 -12.07 7.43
N ASP A 301 26.45 -12.34 6.95
CA ASP A 301 26.99 -13.74 7.03
C ASP A 301 27.45 -13.98 8.43
N ASN A 302 28.18 -13.01 8.99
CA ASN A 302 28.76 -13.14 10.30
C ASN A 302 28.19 -12.14 11.28
N ASN A 303 27.19 -11.37 10.87
CA ASN A 303 26.57 -10.42 11.77
C ASN A 303 27.66 -9.57 12.42
N ALA A 304 28.42 -8.94 11.52
CA ALA A 304 29.64 -8.29 11.84
C ALA A 304 29.75 -6.95 11.15
N VAL A 305 30.74 -6.20 11.62
CA VAL A 305 31.08 -4.89 11.08
C VAL A 305 32.53 -4.95 10.67
N TRP A 306 32.81 -4.50 9.46
CA TRP A 306 34.15 -4.41 8.93
C TRP A 306 34.45 -3.00 8.45
N LYS A 307 35.71 -2.76 8.16
CA LYS A 307 36.16 -1.55 7.48
C LYS A 307 37.11 -1.82 6.29
N PHE A 308 37.06 -0.93 5.30
CA PHE A 308 38.03 -0.99 4.20
C PHE A 308 38.28 0.44 3.77
N GLU A 309 39.42 0.66 3.13
CA GLU A 309 39.78 1.99 2.62
C GLU A 309 39.37 2.14 1.18
N TRP A 310 38.67 3.23 0.89
CA TRP A 310 38.20 3.53 -0.44
C TRP A 310 39.25 4.47 -1.07
N GLN A 311 39.09 4.74 -2.35
CA GLN A 311 40.03 5.57 -3.13
C GLN A 311 39.95 7.04 -2.80
N ARG A 312 38.82 7.47 -2.27
CA ARG A 312 38.71 8.85 -1.84
C ARG A 312 37.79 9.04 -0.65
N ASN A 313 37.80 10.26 -0.13
CA ASN A 313 36.98 10.56 1.02
C ASN A 313 35.47 10.45 0.73
N GLY A 314 34.70 10.35 1.79
CA GLY A 314 33.26 10.33 1.65
C GLY A 314 32.70 11.71 1.43
N LYS A 315 31.48 11.76 0.92
CA LYS A 315 30.72 12.96 0.87
C LYS A 315 30.33 13.35 2.29
N LYS A 316 30.39 14.64 2.61
CA LYS A 316 29.90 15.13 3.92
C LYS A 316 28.45 14.82 4.14
N GLN A 317 28.15 14.27 5.30
CA GLN A 317 26.79 14.23 5.77
C GLN A 317 26.35 15.61 6.28
N TYR A 318 25.04 15.80 6.39
CA TYR A 318 24.44 17.00 6.95
C TYR A 318 25.08 17.36 8.29
N CYS A 319 25.34 16.36 9.13
CA CYS A 319 25.91 16.62 10.46
C CYS A 319 27.28 17.26 10.44
N GLU A 320 27.99 17.16 9.33
CA GLU A 320 29.32 17.72 9.20
C GLU A 320 29.32 19.14 8.61
N THR A 321 28.13 19.64 8.22
CA THR A 321 28.04 20.99 7.64
C THR A 321 27.79 22.06 8.73
N SER A 322 28.08 23.33 8.44
CA SER A 322 28.12 24.40 9.48
C SER A 322 26.84 25.19 9.49
N LYS A 323 26.31 25.46 10.69
CA LYS A 323 25.13 26.32 10.85
C LYS A 323 25.31 27.72 10.22
N PHE A 324 26.56 28.19 10.10
CA PHE A 324 26.87 29.56 9.60
C PHE A 324 26.15 29.89 8.29
N GLU B 2 -13.81 -32.53 -4.37
CA GLU B 2 -14.49 -31.89 -3.19
C GLU B 2 -13.85 -30.52 -2.90
N ILE B 3 -14.67 -29.49 -2.73
CA ILE B 3 -14.12 -28.15 -2.57
C ILE B 3 -13.84 -27.87 -1.08
N PRO B 4 -12.61 -27.48 -0.74
CA PRO B 4 -12.38 -27.24 0.68
C PRO B 4 -13.16 -26.02 1.18
N VAL B 5 -13.58 -26.11 2.46
CA VAL B 5 -14.28 -25.05 3.19
C VAL B 5 -13.49 -24.66 4.43
N ILE B 6 -13.35 -23.35 4.67
CA ILE B 6 -12.84 -22.84 5.95
C ILE B 6 -13.94 -22.13 6.71
N GLU B 7 -13.82 -22.11 8.03
CA GLU B 7 -14.82 -21.51 8.92
C GLU B 7 -14.12 -20.57 9.88
N PRO B 8 -13.61 -19.46 9.36
CA PRO B 8 -12.81 -18.63 10.26
C PRO B 8 -13.67 -17.89 11.28
N LEU B 9 -13.03 -17.35 12.32
CA LEU B 9 -13.71 -16.52 13.31
C LEU B 9 -14.13 -15.16 12.70
N PHE B 10 -15.41 -14.83 12.84
CA PHE B 10 -15.97 -13.50 12.52
C PHE B 10 -16.28 -12.70 13.79
N THR B 11 -15.86 -11.44 13.78
CA THR B 11 -16.09 -10.50 14.86
C THR B 11 -17.03 -9.41 14.35
N LYS B 12 -18.11 -9.20 15.09
CA LYS B 12 -19.11 -8.18 14.75
C LYS B 12 -18.60 -6.80 15.11
N MET B 13 -18.67 -5.91 14.14
CA MET B 13 -18.26 -4.52 14.31
C MET B 13 -19.44 -3.57 14.58
N THR B 14 -20.57 -3.72 13.89
CA THR B 14 -21.77 -2.89 14.16
C THR B 14 -22.99 -3.55 13.59
N GLU B 15 -24.17 -3.05 13.99
CA GLU B 15 -25.46 -3.65 13.61
C GLU B 15 -26.46 -2.53 13.31
N ASP B 16 -27.71 -2.92 13.02
CA ASP B 16 -28.83 -2.00 12.82
C ASP B 16 -28.57 -1.05 11.68
N ILE B 17 -27.93 -1.57 10.63
CA ILE B 17 -27.79 -0.83 9.42
C ILE B 17 -28.58 -1.55 8.32
N PRO B 18 -29.78 -1.05 8.00
CA PRO B 18 -30.61 -1.67 6.96
C PRO B 18 -29.91 -1.74 5.62
N GLY B 19 -29.94 -2.93 5.01
CA GLY B 19 -29.37 -3.15 3.70
C GLY B 19 -27.89 -2.86 3.60
N ALA B 20 -27.15 -3.06 4.71
CA ALA B 20 -25.72 -2.73 4.85
C ALA B 20 -24.95 -3.22 3.63
N THR B 21 -24.20 -2.30 3.05
CA THR B 21 -23.43 -2.57 1.87
C THR B 21 -22.35 -1.53 1.72
N GLY B 22 -21.59 -1.66 0.66
CA GLY B 22 -20.55 -0.69 0.29
C GLY B 22 -19.54 -0.33 1.37
N PRO B 23 -19.00 -1.34 2.08
CA PRO B 23 -17.85 -1.14 2.97
C PRO B 23 -16.66 -0.65 2.14
N VAL B 24 -16.04 0.42 2.62
CA VAL B 24 -14.95 1.05 1.91
C VAL B 24 -14.04 1.81 2.86
N PHE B 25 -12.74 1.80 2.58
CA PHE B 25 -11.75 2.64 3.27
C PHE B 25 -11.26 3.76 2.37
N ASP B 26 -11.14 4.96 2.92
CA ASP B 26 -10.63 6.04 2.11
C ASP B 26 -9.10 6.13 2.26
N LYS B 27 -8.47 7.12 1.68
CA LYS B 27 -7.01 7.25 1.70
C LYS B 27 -6.44 7.54 3.09
N ASN B 28 -7.25 8.10 3.97
CA ASN B 28 -6.84 8.33 5.35
C ASN B 28 -7.11 7.15 6.28
N GLY B 29 -7.69 6.08 5.76
CA GLY B 29 -7.94 4.87 6.53
C GLY B 29 -9.28 4.89 7.26
N ASP B 30 -10.08 5.93 7.01
CA ASP B 30 -11.45 6.00 7.57
C ASP B 30 -12.38 5.02 6.85
N PHE B 31 -13.33 4.46 7.60
CA PHE B 31 -14.13 3.34 7.12
C PHE B 31 -15.55 3.83 7.00
N TYR B 32 -16.17 3.56 5.85
CA TYR B 32 -17.56 3.96 5.57
C TYR B 32 -18.40 2.76 5.17
N VAL B 33 -19.70 2.81 5.43
CA VAL B 33 -20.61 1.74 4.97
C VAL B 33 -21.86 2.46 4.49
N VAL B 34 -22.64 1.77 3.66
CA VAL B 34 -23.85 2.34 3.11
C VAL B 34 -25.06 1.60 3.65
N ALA B 35 -26.07 2.40 4.01
CA ALA B 35 -27.45 1.93 4.28
C ALA B 35 -28.30 1.95 3.00
N SER B 36 -28.98 0.82 2.77
CA SER B 36 -29.89 0.67 1.63
C SER B 36 -31.29 0.15 2.02
N PRO B 37 -32.19 1.08 2.41
CA PRO B 37 -33.58 0.71 2.62
C PRO B 37 -34.25 -0.01 1.43
N LEU B 38 -33.89 0.34 0.20
CA LEU B 38 -34.47 -0.30 -0.96
C LEU B 38 -34.02 -1.76 -1.06
N SER B 39 -32.76 -2.03 -0.74
CA SER B 39 -32.25 -3.39 -0.76
C SER B 39 -33.06 -4.18 0.23
N GLU B 40 -33.17 -3.68 1.45
CA GLU B 40 -33.88 -4.42 2.49
C GLU B 40 -35.33 -4.65 2.04
N ALA B 41 -35.96 -3.61 1.50
CA ALA B 41 -37.33 -3.73 0.98
C ALA B 41 -37.47 -4.80 -0.13
N LEU B 42 -36.56 -4.83 -1.10
CA LEU B 42 -36.63 -5.86 -2.16
C LEU B 42 -36.57 -7.27 -1.60
N ILE B 43 -35.90 -7.41 -0.46
CA ILE B 43 -35.83 -8.69 0.24
C ILE B 43 -37.19 -9.14 0.76
N ASN B 44 -38.02 -8.18 1.19
CA ASN B 44 -39.26 -8.52 1.89
C ASN B 44 -40.50 -8.48 0.99
N ALA B 45 -40.36 -8.02 -0.25
CA ALA B 45 -41.45 -7.92 -1.20
C ALA B 45 -41.57 -9.19 -2.07
N ASN B 46 -42.57 -9.18 -2.96
CA ASN B 46 -42.81 -10.26 -3.94
C ASN B 46 -43.29 -9.72 -5.30
N SER B 47 -42.40 -9.71 -6.29
CA SER B 47 -42.72 -9.26 -7.66
C SER B 47 -42.96 -7.74 -7.74
N LEU B 48 -44.15 -7.32 -8.20
CA LEU B 48 -44.52 -5.90 -8.26
C LEU B 48 -44.66 -5.28 -6.87
N ALA B 49 -45.22 -6.04 -5.93
CA ALA B 49 -45.28 -5.61 -4.54
C ALA B 49 -43.98 -4.90 -4.17
N GLU B 50 -42.87 -5.36 -4.74
CA GLU B 50 -41.61 -4.64 -4.69
C GLU B 50 -41.77 -3.20 -5.18
N ALA B 51 -42.21 -3.05 -6.42
CA ALA B 51 -42.40 -1.72 -7.04
C ALA B 51 -42.77 -0.60 -6.07
N TYR B 52 -43.76 -0.83 -5.20
CA TYR B 52 -44.22 0.19 -4.25
C TYR B 52 -43.08 0.82 -3.45
N SER B 56 -39.40 4.00 -0.21
CA SER B 56 -38.21 3.80 0.60
C SER B 56 -37.58 5.12 1.01
N ASP B 57 -37.17 5.21 2.27
CA ASP B 57 -36.35 6.33 2.73
C ASP B 57 -35.02 6.27 2.00
N ALA B 58 -34.46 7.42 1.68
CA ALA B 58 -33.19 7.47 0.95
C ALA B 58 -32.13 6.71 1.72
N GLY B 59 -31.16 6.13 1.00
CA GLY B 59 -30.02 5.52 1.64
C GLY B 59 -29.14 6.57 2.29
N GLU B 60 -28.19 6.08 3.06
CA GLU B 60 -27.21 6.93 3.72
C GLU B 60 -25.78 6.38 3.50
N ILE B 61 -24.82 7.19 3.89
CA ILE B 61 -23.43 6.83 3.85
C ILE B 61 -23.08 7.16 5.27
N LEU B 62 -22.57 6.14 5.97
CA LEU B 62 -22.22 6.24 7.37
C LEU B 62 -20.72 6.09 7.46
N HIS B 63 -20.12 6.88 8.34
CA HIS B 63 -18.77 6.69 8.84
C HIS B 63 -18.87 5.77 10.07
N ILE B 64 -18.03 4.76 10.13
CA ILE B 64 -18.05 3.88 11.27
C ILE B 64 -16.68 4.00 11.93
N ASP B 65 -16.66 4.37 13.20
CA ASP B 65 -15.41 4.40 13.95
C ASP B 65 -15.03 2.95 14.27
N LEU B 66 -13.83 2.53 13.92
CA LEU B 66 -13.46 1.13 14.04
C LEU B 66 -12.98 0.72 15.43
N LYS B 67 -12.80 1.70 16.32
CA LYS B 67 -12.45 1.43 17.72
C LYS B 67 -13.72 1.39 18.52
N THR B 68 -14.60 2.34 18.25
CA THR B 68 -15.80 2.50 19.11
C THR B 68 -17.10 1.93 18.51
N GLY B 69 -17.15 1.76 17.20
CA GLY B 69 -18.38 1.38 16.53
C GLY B 69 -19.41 2.49 16.35
N LYS B 70 -19.09 3.71 16.78
CA LYS B 70 -20.03 4.82 16.59
C LYS B 70 -20.25 5.09 15.08
N LYS B 71 -21.53 5.20 14.70
CA LYS B 71 -21.92 5.46 13.33
C LYS B 71 -22.21 6.96 13.19
N THR B 72 -21.69 7.58 12.14
CA THR B 72 -21.96 8.99 11.85
C THR B 72 -22.48 9.08 10.44
N VAL B 73 -23.64 9.70 10.29
CA VAL B 73 -24.22 9.93 8.96
C VAL B 73 -23.40 11.00 8.27
N ILE B 74 -22.86 10.66 7.11
CA ILE B 74 -22.00 11.51 6.36
C ILE B 74 -22.87 12.20 5.32
N CYS B 75 -23.69 11.43 4.62
CA CYS B 75 -24.50 11.95 3.55
C CYS B 75 -25.78 11.13 3.34
N LYS B 76 -26.87 11.86 3.14
CA LYS B 76 -28.17 11.26 2.79
C LYS B 76 -28.51 11.80 1.41
N PRO B 77 -28.04 11.10 0.38
CA PRO B 77 -28.16 11.75 -0.90
C PRO B 77 -29.59 11.80 -1.43
N GLU B 78 -29.97 12.98 -1.86
CA GLU B 78 -31.26 13.22 -2.50
C GLU B 78 -31.06 14.26 -3.62
N VAL B 79 -31.67 14.04 -4.78
CA VAL B 79 -31.65 15.00 -5.85
C VAL B 79 -33.09 15.24 -6.32
N ASN B 80 -33.57 16.46 -6.10
CA ASN B 80 -34.84 16.92 -6.67
C ASN B 80 -36.02 16.14 -6.14
N GLY B 81 -35.96 15.89 -4.83
CA GLY B 81 -37.00 15.16 -4.13
C GLY B 81 -36.85 13.64 -4.15
N TYR B 82 -36.00 13.14 -5.05
CA TYR B 82 -35.78 11.69 -5.23
C TYR B 82 -34.66 11.20 -4.33
N GLY B 83 -34.98 10.28 -3.41
CA GLY B 83 -33.99 9.69 -2.50
C GLY B 83 -33.01 8.78 -3.24
N GLY B 84 -31.72 8.81 -2.87
CA GLY B 84 -30.74 7.98 -3.53
C GLY B 84 -30.87 6.57 -3.01
N SER B 85 -30.38 5.61 -3.76
CA SER B 85 -30.23 4.23 -3.28
C SER B 85 -28.78 3.82 -3.57
N PRO B 86 -27.84 4.40 -2.81
CA PRO B 86 -26.45 3.94 -3.00
C PRO B 86 -26.28 2.46 -2.67
N ILE B 87 -25.39 1.79 -3.38
CA ILE B 87 -25.05 0.42 -3.09
C ILE B 87 -23.53 0.29 -2.93
N GLY B 88 -22.74 0.43 -3.99
CA GLY B 88 -21.32 0.11 -3.91
C GLY B 88 -20.42 1.34 -3.96
N CYS B 89 -19.23 1.25 -3.38
CA CYS B 89 -18.28 2.38 -3.26
C CYS B 89 -16.86 2.04 -3.65
N GLN B 90 -16.19 3.06 -4.15
CA GLN B 90 -14.75 3.00 -4.35
C GLN B 90 -14.19 4.36 -3.95
N CYS B 91 -12.97 4.38 -3.45
CA CYS B 91 -12.28 5.61 -3.07
C CYS B 91 -11.40 6.08 -4.22
N ASP B 92 -11.43 7.37 -4.53
CA ASP B 92 -10.57 7.97 -5.56
C ASP B 92 -9.12 7.99 -5.11
N ARG B 93 -8.21 8.21 -6.07
CA ARG B 93 -6.82 8.22 -5.73
C ARG B 93 -6.30 9.63 -5.47
N ASP B 94 -6.61 10.59 -6.35
CA ASP B 94 -6.06 11.96 -6.27
C ASP B 94 -6.80 12.94 -5.33
N ALA B 95 -7.93 12.51 -4.77
CA ALA B 95 -8.58 13.25 -3.73
C ALA B 95 -9.19 12.26 -2.80
N ASN B 96 -9.33 12.70 -1.56
CA ASN B 96 -10.03 11.93 -0.56
C ASN B 96 -11.54 12.06 -0.79
N GLN B 97 -12.09 11.29 -1.72
CA GLN B 97 -13.50 11.37 -2.02
C GLN B 97 -13.94 10.00 -2.45
N LEU B 98 -15.23 9.78 -2.49
CA LEU B 98 -15.73 8.44 -2.77
C LEU B 98 -16.69 8.44 -3.96
N PHE B 99 -16.53 7.45 -4.81
CA PHE B 99 -17.40 7.26 -5.96
C PHE B 99 -18.40 6.20 -5.59
N VAL B 100 -19.67 6.56 -5.69
CA VAL B 100 -20.74 5.79 -5.15
C VAL B 100 -21.77 5.47 -6.25
N ALA B 101 -21.95 4.18 -6.54
CA ALA B 101 -22.97 3.74 -7.51
C ALA B 101 -24.35 3.75 -6.84
N ASP B 102 -25.36 4.32 -7.49
CA ASP B 102 -26.64 4.56 -6.83
C ASP B 102 -27.72 4.10 -7.79
N MET B 103 -28.67 3.34 -7.27
CA MET B 103 -29.62 2.69 -8.16
C MET B 103 -30.70 3.65 -8.64
N ARG B 104 -30.83 4.77 -7.93
CA ARG B 104 -31.80 5.82 -8.31
C ARG B 104 -31.16 7.05 -8.95
N LEU B 105 -29.88 7.30 -8.68
CA LEU B 105 -29.28 8.56 -9.07
C LEU B 105 -28.11 8.42 -10.00
N GLY B 106 -27.61 7.21 -10.19
CA GLY B 106 -26.56 7.00 -11.16
C GLY B 106 -25.19 6.91 -10.50
N LEU B 107 -24.23 7.73 -10.91
CA LEU B 107 -22.95 7.77 -10.20
C LEU B 107 -22.86 9.05 -9.35
N LEU B 108 -22.50 8.91 -8.08
CA LEU B 108 -22.23 10.07 -7.20
C LEU B 108 -20.75 10.17 -6.87
N VAL B 109 -20.32 11.40 -6.60
CA VAL B 109 -19.06 11.62 -5.95
C VAL B 109 -19.38 12.26 -4.62
N VAL B 110 -18.94 11.62 -3.55
CA VAL B 110 -19.28 12.01 -2.20
C VAL B 110 -18.03 12.42 -1.41
N GLN B 111 -18.05 13.60 -0.81
CA GLN B 111 -16.95 14.07 0.01
C GLN B 111 -17.13 13.62 1.44
N THR B 112 -16.03 13.53 2.13
CA THR B 112 -16.11 13.16 3.52
C THR B 112 -16.88 14.15 4.39
N ASP B 113 -17.02 15.41 3.97
CA ASP B 113 -17.82 16.37 4.73
C ASP B 113 -19.30 16.30 4.37
N GLY B 114 -19.64 15.43 3.42
CA GLY B 114 -21.04 15.10 3.14
C GLY B 114 -21.66 15.79 1.92
N THR B 115 -20.94 16.70 1.30
CA THR B 115 -21.37 17.25 0.02
C THR B 115 -21.21 16.17 -1.03
N PHE B 116 -22.00 16.24 -2.10
CA PHE B 116 -21.91 15.29 -3.19
C PHE B 116 -22.32 15.94 -4.49
N GLU B 117 -21.89 15.34 -5.60
CA GLU B 117 -22.26 15.72 -6.96
C GLU B 117 -22.87 14.50 -7.61
N GLU B 118 -23.97 14.68 -8.35
CA GLU B 118 -24.49 13.67 -9.25
C GLU B 118 -23.72 13.84 -10.52
N ILE B 119 -23.14 12.76 -11.02
CA ILE B 119 -22.14 12.86 -12.08
C ILE B 119 -22.69 12.85 -13.49
N ALA B 120 -23.75 12.09 -13.70
CA ALA B 120 -24.26 11.95 -15.07
C ALA B 120 -25.77 11.77 -15.11
N ASN B 121 -26.44 12.72 -15.74
CA ASN B 121 -27.83 12.55 -16.12
C ASN B 121 -27.91 11.59 -17.30
N LYS B 122 -26.92 11.62 -18.19
CA LYS B 122 -26.94 10.79 -19.40
C LYS B 122 -25.54 10.29 -19.75
N ASP B 123 -25.48 9.32 -20.66
CA ASP B 123 -24.21 8.75 -21.08
C ASP B 123 -23.67 9.51 -22.29
N SER B 124 -22.54 9.07 -22.80
CA SER B 124 -21.82 9.81 -23.81
C SER B 124 -22.52 9.76 -25.19
N GLU B 125 -23.19 8.65 -25.49
CA GLU B 125 -24.00 8.57 -26.70
C GLU B 125 -25.23 9.45 -26.55
N GLY B 126 -25.54 9.84 -25.31
CA GLY B 126 -26.65 10.75 -25.02
C GLY B 126 -27.93 10.09 -24.51
N ARG B 127 -27.90 8.77 -24.33
CA ARG B 127 -29.04 8.06 -23.79
C ARG B 127 -29.13 8.29 -22.29
N CYS B 128 -30.34 8.19 -21.76
CA CYS B 128 -30.56 8.36 -20.33
C CYS B 128 -29.66 7.39 -19.55
N MET B 129 -29.40 7.74 -18.30
CA MET B 129 -28.57 6.88 -17.43
C MET B 129 -29.42 5.84 -16.71
N GLN B 130 -28.90 4.63 -16.55
CA GLN B 130 -29.51 3.64 -15.64
C GLN B 130 -28.92 3.63 -14.21
N GLY B 131 -29.73 3.18 -13.25
CA GLY B 131 -29.35 3.07 -11.85
C GLY B 131 -28.19 2.09 -11.75
N CYS B 132 -27.21 2.44 -10.91
CA CYS B 132 -25.95 1.72 -10.83
C CYS B 132 -25.88 1.06 -9.48
N ALA B 133 -25.15 -0.04 -9.40
CA ALA B 133 -25.10 -0.83 -8.16
C ALA B 133 -23.64 -0.98 -7.68
N TYR B 134 -22.79 -1.54 -8.52
CA TYR B 134 -21.43 -1.92 -8.07
C TYR B 134 -20.42 -1.28 -8.97
N CYS B 135 -19.23 -1.07 -8.47
CA CYS B 135 -18.18 -0.39 -9.24
C CYS B 135 -16.80 -0.77 -8.77
N ALA B 136 -15.87 -0.68 -9.71
CA ALA B 136 -14.49 -1.01 -9.49
C ALA B 136 -13.61 -0.11 -10.35
N PHE B 137 -12.65 0.55 -9.71
CA PHE B 137 -11.58 1.25 -10.45
C PHE B 137 -10.55 0.29 -11.01
N ASP B 138 -10.18 0.47 -12.28
CA ASP B 138 -8.91 -0.04 -12.77
C ASP B 138 -7.76 0.86 -12.36
N TYR B 139 -6.53 0.39 -12.53
CA TYR B 139 -5.37 1.13 -12.04
C TYR B 139 -5.06 2.36 -12.91
N GLU B 140 -5.72 2.45 -14.06
CA GLU B 140 -5.67 3.62 -14.93
C GLU B 140 -6.62 4.71 -14.47
N GLY B 141 -7.55 4.39 -13.58
CA GLY B 141 -8.42 5.41 -13.12
C GLY B 141 -9.77 5.38 -13.80
N ASN B 142 -10.04 4.37 -14.62
CA ASN B 142 -11.34 4.23 -15.25
C ASN B 142 -12.21 3.47 -14.29
N LEU B 143 -13.44 3.92 -14.09
CA LEU B 143 -14.40 3.23 -13.20
C LEU B 143 -15.41 2.37 -13.97
N TRP B 144 -15.34 1.07 -13.76
CA TRP B 144 -16.29 0.14 -14.35
C TRP B 144 -17.47 -0.05 -13.43
N ILE B 145 -18.67 -0.05 -14.00
CA ILE B 145 -19.85 0.08 -13.18
C ILE B 145 -20.93 -0.86 -13.66
N THR B 146 -21.65 -1.51 -12.75
CA THR B 146 -22.81 -2.30 -13.14
C THR B 146 -24.07 -1.52 -12.90
N ALA B 147 -25.01 -1.74 -13.82
CA ALA B 147 -26.26 -1.04 -13.77
C ALA B 147 -27.48 -1.94 -13.97
N PRO B 148 -27.94 -2.55 -12.88
CA PRO B 148 -29.09 -3.46 -12.97
C PRO B 148 -30.46 -2.81 -13.01
N ALA B 149 -30.52 -1.50 -12.75
CA ALA B 149 -31.80 -0.82 -12.67
C ALA B 149 -32.17 -0.25 -14.05
N GLY B 150 -33.40 0.22 -14.17
CA GLY B 150 -33.82 0.97 -15.34
C GLY B 150 -33.24 2.37 -15.25
N GLY B 151 -33.88 3.32 -15.90
CA GLY B 151 -33.46 4.70 -15.82
C GLY B 151 -33.39 5.25 -14.40
N VAL B 152 -32.44 6.15 -14.19
CA VAL B 152 -32.40 6.96 -12.97
C VAL B 152 -33.67 7.78 -12.76
N ALA B 153 -33.87 8.24 -11.54
CA ALA B 153 -34.98 9.18 -11.26
C ALA B 153 -34.92 10.27 -12.30
N PRO B 154 -36.10 10.76 -12.75
CA PRO B 154 -37.46 10.47 -12.27
C PRO B 154 -38.21 9.24 -12.85
N ALA B 155 -37.59 8.44 -13.70
CA ALA B 155 -38.21 7.16 -14.11
C ALA B 155 -38.63 6.34 -12.89
N ASP B 156 -39.72 5.56 -13.03
CA ASP B 156 -40.13 4.61 -12.03
C ASP B 156 -38.97 3.68 -11.76
N PHE B 157 -38.84 3.20 -10.54
CA PHE B 157 -37.79 2.25 -10.23
C PHE B 157 -38.12 0.86 -10.76
N THR B 158 -37.15 0.27 -11.45
CA THR B 158 -37.24 -1.08 -11.99
C THR B 158 -35.87 -1.73 -11.91
N ILE B 159 -35.85 -3.06 -11.89
CA ILE B 159 -34.61 -3.81 -11.86
C ILE B 159 -34.70 -5.04 -12.79
N SER B 160 -33.55 -5.37 -13.38
CA SER B 160 -33.43 -6.47 -14.32
C SER B 160 -33.26 -7.78 -13.54
N LEU B 161 -34.20 -8.07 -12.64
CA LEU B 161 -34.23 -9.33 -11.91
C LEU B 161 -35.03 -10.40 -12.64
N ARG B 162 -36.03 -10.00 -13.44
CA ARG B 162 -36.82 -10.91 -14.28
C ARG B 162 -36.33 -10.90 -15.75
N GLU B 163 -35.94 -9.74 -16.27
CA GLU B 163 -35.65 -9.58 -17.71
C GLU B 163 -34.26 -9.01 -17.96
N LYS B 164 -33.80 -9.13 -19.20
CA LYS B 164 -32.44 -8.74 -19.53
C LYS B 164 -32.44 -7.29 -19.99
N PHE B 165 -32.17 -6.36 -19.06
CA PHE B 165 -31.97 -4.98 -19.45
C PHE B 165 -30.92 -4.26 -18.61
N GLY B 166 -30.21 -5.00 -17.76
CA GLY B 166 -29.11 -4.43 -16.97
C GLY B 166 -27.92 -4.09 -17.87
N SER B 167 -27.21 -3.00 -17.56
CA SER B 167 -26.08 -2.56 -18.41
C SER B 167 -24.76 -2.45 -17.65
N ILE B 168 -23.65 -2.32 -18.39
CA ILE B 168 -22.32 -2.08 -17.87
C ILE B 168 -21.83 -0.75 -18.43
N TYR B 169 -21.24 0.07 -17.56
CA TYR B 169 -20.59 1.32 -17.99
C TYR B 169 -19.14 1.37 -17.60
N CYS B 170 -18.44 2.23 -18.33
CA CYS B 170 -17.12 2.69 -17.96
C CYS B 170 -17.14 4.21 -17.92
N PHE B 171 -16.82 4.76 -16.75
CA PHE B 171 -16.62 6.19 -16.59
C PHE B 171 -15.13 6.41 -16.67
N THR B 172 -14.71 7.05 -17.75
CA THR B 172 -13.31 7.13 -18.06
C THR B 172 -12.61 8.33 -17.41
N THR B 173 -11.30 8.26 -17.37
CA THR B 173 -10.48 9.35 -16.83
C THR B 173 -10.64 10.70 -17.58
N ASP B 174 -11.24 10.71 -18.78
CA ASP B 174 -11.69 11.92 -19.49
C ASP B 174 -13.14 12.29 -19.23
N GLY B 175 -13.74 11.70 -18.22
CA GLY B 175 -15.06 12.11 -17.81
C GLY B 175 -16.17 11.71 -18.75
N GLN B 176 -15.93 10.74 -19.62
CA GLN B 176 -17.01 10.19 -20.44
C GLN B 176 -17.63 8.96 -19.79
N MET B 177 -18.97 8.94 -19.70
CA MET B 177 -19.74 7.81 -19.20
C MET B 177 -20.17 6.97 -20.40
N ILE B 178 -19.43 5.90 -20.69
CA ILE B 178 -19.71 5.11 -21.88
C ILE B 178 -20.43 3.82 -21.54
N GLN B 179 -21.60 3.61 -22.12
CA GLN B 179 -22.26 2.30 -22.00
C GLN B 179 -21.45 1.31 -22.82
N VAL B 180 -20.97 0.26 -22.17
CA VAL B 180 -20.11 -0.74 -22.82
C VAL B 180 -20.79 -2.09 -23.08
N ASP B 181 -21.83 -2.42 -22.34
CA ASP B 181 -22.62 -3.62 -22.65
C ASP B 181 -24.00 -3.47 -22.06
N THR B 182 -24.92 -4.40 -22.38
CA THR B 182 -26.29 -4.37 -21.87
C THR B 182 -26.99 -5.76 -22.02
N ALA B 183 -28.25 -5.82 -21.63
CA ALA B 183 -29.07 -7.06 -21.60
C ALA B 183 -28.53 -8.10 -20.62
N PHE B 184 -28.12 -7.62 -19.45
CA PHE B 184 -27.78 -8.51 -18.34
C PHE B 184 -29.01 -8.68 -17.52
N GLN B 185 -29.11 -9.85 -16.90
CA GLN B 185 -30.09 -10.06 -15.88
C GLN B 185 -29.38 -9.82 -14.53
N CYS B 186 -29.48 -8.55 -14.11
CA CYS B 186 -29.04 -8.12 -12.77
C CYS B 186 -27.54 -8.27 -12.59
N PRO B 187 -26.76 -7.57 -13.40
CA PRO B 187 -25.34 -7.59 -13.16
C PRO B 187 -25.11 -7.06 -11.73
N ALA B 188 -24.19 -7.67 -11.00
CA ALA B 188 -23.96 -7.32 -9.59
C ALA B 188 -22.49 -7.02 -9.41
N GLY B 189 -21.77 -7.79 -8.57
CA GLY B 189 -20.37 -7.48 -8.34
C GLY B 189 -19.54 -7.43 -9.60
N ILE B 190 -18.46 -6.68 -9.50
CA ILE B 190 -17.58 -6.43 -10.62
C ILE B 190 -16.18 -6.22 -10.13
N ALA B 191 -15.21 -6.65 -10.95
CA ALA B 191 -13.78 -6.57 -10.65
C ALA B 191 -12.96 -6.54 -11.92
N VAL B 192 -11.76 -5.99 -11.78
CA VAL B 192 -10.78 -5.88 -12.86
C VAL B 192 -9.54 -6.61 -12.46
N ARG B 193 -9.19 -7.60 -13.27
CA ARG B 193 -8.00 -8.33 -13.12
C ARG B 193 -6.91 -7.57 -13.86
N HIS B 194 -5.79 -7.32 -13.19
CA HIS B 194 -4.69 -6.61 -13.79
C HIS B 194 -3.53 -7.54 -13.92
N MET B 195 -2.67 -7.21 -14.89
CA MET B 195 -1.37 -7.79 -15.03
C MET B 195 -0.44 -7.40 -13.87
N ASN B 196 0.64 -8.14 -13.74
CA ASN B 196 1.59 -7.80 -12.73
C ASN B 196 2.11 -6.38 -12.87
N ASP B 197 2.16 -5.85 -14.09
CA ASP B 197 2.67 -4.52 -14.33
C ASP B 197 1.62 -3.43 -14.12
N GLY B 198 0.44 -3.78 -13.62
CA GLY B 198 -0.62 -2.83 -13.43
C GLY B 198 -1.49 -2.62 -14.67
N ARG B 199 -1.23 -3.35 -15.75
CA ARG B 199 -2.06 -3.17 -16.93
C ARG B 199 -3.41 -3.94 -16.82
N PRO B 200 -4.55 -3.24 -17.02
CA PRO B 200 -5.83 -3.90 -16.95
C PRO B 200 -6.04 -4.92 -18.07
N TYR B 201 -6.57 -6.11 -17.77
CA TYR B 201 -6.91 -6.97 -18.90
C TYR B 201 -8.15 -7.83 -18.89
N GLN B 202 -8.78 -8.03 -17.76
CA GLN B 202 -9.98 -8.84 -17.72
C GLN B 202 -10.97 -8.19 -16.80
N LEU B 203 -12.22 -8.13 -17.26
CA LEU B 203 -13.37 -7.69 -16.49
C LEU B 203 -14.22 -8.88 -16.05
N ILE B 204 -14.40 -9.03 -14.75
CA ILE B 204 -15.26 -10.08 -14.21
C ILE B 204 -16.53 -9.42 -13.68
N VAL B 205 -17.66 -9.97 -14.09
CA VAL B 205 -18.97 -9.44 -13.80
C VAL B 205 -19.87 -10.57 -13.36
N ALA B 206 -20.45 -10.41 -12.18
CA ALA B 206 -21.46 -11.34 -11.66
C ALA B 206 -22.81 -11.05 -12.31
N GLU B 207 -23.50 -12.10 -12.76
CA GLU B 207 -24.88 -11.99 -13.17
C GLU B 207 -25.66 -12.73 -12.11
N GLN B 208 -26.33 -12.03 -11.23
CA GLN B 208 -26.71 -12.61 -9.94
C GLN B 208 -27.68 -13.83 -9.93
N PRO B 209 -28.94 -13.63 -10.34
CA PRO B 209 -29.87 -14.78 -10.33
C PRO B 209 -29.49 -15.94 -11.24
N THR B 210 -28.64 -15.72 -12.24
CA THR B 210 -28.29 -16.79 -13.17
C THR B 210 -27.13 -17.67 -12.69
N LYS B 211 -26.63 -17.36 -11.50
CA LYS B 211 -25.55 -18.12 -10.87
C LYS B 211 -24.34 -18.22 -11.78
N LYS B 212 -24.07 -17.16 -12.52
CA LYS B 212 -22.94 -17.11 -13.42
C LYS B 212 -22.02 -15.90 -13.19
N LEU B 213 -20.73 -16.08 -13.49
CA LEU B 213 -19.75 -14.98 -13.56
C LEU B 213 -19.30 -14.92 -14.99
N TRP B 214 -19.36 -13.73 -15.56
CA TRP B 214 -18.93 -13.50 -16.93
C TRP B 214 -17.56 -12.87 -16.96
N SER B 215 -16.80 -13.11 -18.02
CA SER B 215 -15.58 -12.33 -18.24
C SER B 215 -15.55 -11.67 -19.62
N TYR B 216 -14.78 -10.60 -19.68
CA TYR B 216 -14.42 -9.95 -20.92
C TYR B 216 -12.95 -9.66 -20.91
N ASP B 217 -12.38 -9.61 -22.10
CA ASP B 217 -11.05 -9.05 -22.24
C ASP B 217 -11.09 -7.53 -22.37
N ILE B 218 -10.24 -6.84 -21.62
CA ILE B 218 -10.16 -5.38 -21.71
C ILE B 218 -9.06 -4.99 -22.66
N LYS B 219 -9.39 -4.20 -23.68
CA LYS B 219 -8.41 -3.79 -24.69
C LYS B 219 -8.17 -2.30 -24.65
N GLY B 220 -8.92 -1.62 -23.78
CA GLY B 220 -8.71 -0.21 -23.55
C GLY B 220 -9.87 0.39 -22.81
N PRO B 221 -9.73 1.66 -22.42
CA PRO B 221 -10.79 2.39 -21.80
C PRO B 221 -12.12 2.17 -22.53
N ALA B 222 -13.07 1.58 -21.82
CA ALA B 222 -14.43 1.34 -22.29
C ALA B 222 -14.44 0.42 -23.51
N ASN B 223 -13.44 -0.47 -23.61
CA ASN B 223 -13.29 -1.33 -24.77
C ASN B 223 -13.11 -2.78 -24.36
N ILE B 224 -14.23 -3.49 -24.38
CA ILE B 224 -14.27 -4.88 -23.95
C ILE B 224 -14.85 -5.84 -25.00
N GLU B 225 -14.37 -7.07 -25.00
CA GLU B 225 -14.83 -8.05 -25.98
C GLU B 225 -14.66 -9.46 -25.45
N ASN B 226 -14.92 -10.45 -26.30
CA ASN B 226 -14.71 -11.83 -25.96
C ASN B 226 -15.51 -12.28 -24.72
N LYS B 227 -16.74 -11.80 -24.63
CA LYS B 227 -17.65 -12.12 -23.53
C LYS B 227 -17.79 -13.64 -23.43
N LYS B 228 -17.45 -14.20 -22.27
CA LYS B 228 -17.50 -15.68 -21.96
C LYS B 228 -18.03 -15.93 -20.54
N VAL B 229 -18.62 -17.10 -20.29
CA VAL B 229 -18.97 -17.49 -18.94
C VAL B 229 -17.62 -17.86 -18.37
N TRP B 230 -17.27 -17.29 -17.21
CA TRP B 230 -15.95 -17.48 -16.60
C TRP B 230 -16.02 -18.38 -15.36
N GLY B 231 -17.14 -18.31 -14.62
CA GLY B 231 -17.28 -19.08 -13.39
C GLY B 231 -18.69 -19.50 -13.13
N HIS B 232 -18.80 -20.67 -12.51
CA HIS B 232 -20.08 -21.15 -12.01
C HIS B 232 -20.20 -20.94 -10.50
N ILE B 233 -21.32 -20.33 -10.12
CA ILE B 233 -21.64 -20.04 -8.73
C ILE B 233 -22.60 -21.12 -8.16
N PRO B 234 -22.16 -21.87 -7.13
CA PRO B 234 -23.03 -22.99 -6.69
C PRO B 234 -24.32 -22.59 -5.95
N GLY B 235 -25.29 -23.50 -5.94
CA GLY B 235 -26.47 -23.38 -5.10
C GLY B 235 -27.77 -23.39 -5.90
N THR B 236 -28.84 -23.88 -5.27
CA THR B 236 -30.17 -23.80 -5.84
C THR B 236 -30.95 -22.58 -5.37
N HIS B 237 -30.37 -21.87 -4.40
CA HIS B 237 -31.04 -20.87 -3.54
C HIS B 237 -31.47 -19.62 -4.27
N LYS B 238 -32.18 -18.78 -3.54
CA LYS B 238 -32.56 -17.45 -3.95
C LYS B 238 -31.41 -16.51 -3.57
N GLY B 239 -30.98 -15.75 -4.55
CA GLY B 239 -29.77 -14.87 -4.38
C GLY B 239 -28.74 -15.17 -5.42
N GLY B 240 -27.48 -15.20 -5.00
CA GLY B 240 -26.41 -15.40 -5.93
C GLY B 240 -25.28 -14.43 -5.61
N ALA B 241 -24.33 -14.31 -6.53
CA ALA B 241 -23.18 -13.48 -6.26
C ALA B 241 -23.57 -12.02 -6.13
N ALA B 242 -23.10 -11.39 -5.06
CA ALA B 242 -23.25 -9.95 -4.88
C ALA B 242 -21.88 -9.25 -5.03
N GLY B 243 -21.32 -8.70 -3.96
CA GLY B 243 -19.98 -8.08 -4.07
C GLY B 243 -18.84 -9.07 -4.21
N MET B 244 -17.69 -8.56 -4.64
CA MET B 244 -16.55 -9.40 -4.90
C MET B 244 -15.29 -8.56 -4.84
N VAL B 245 -14.18 -9.16 -4.45
CA VAL B 245 -12.89 -8.47 -4.35
C VAL B 245 -11.76 -9.43 -4.60
N PHE B 246 -10.65 -8.93 -5.15
CA PHE B 246 -9.44 -9.73 -5.32
C PHE B 246 -8.53 -9.69 -4.11
N ASP B 247 -7.83 -10.81 -3.86
CA ASP B 247 -6.71 -10.84 -2.91
C ASP B 247 -5.39 -10.65 -3.62
N GLU B 248 -4.29 -10.63 -2.87
CA GLU B 248 -2.98 -10.28 -3.47
C GLU B 248 -2.53 -11.31 -4.49
N ASP B 249 -3.06 -12.53 -4.37
CA ASP B 249 -2.73 -13.60 -5.32
C ASP B 249 -3.65 -13.66 -6.53
N ASN B 250 -4.53 -12.66 -6.65
CA ASN B 250 -5.56 -12.59 -7.71
C ASN B 250 -6.61 -13.71 -7.65
N ASN B 251 -6.83 -14.29 -6.47
CA ASN B 251 -8.04 -15.05 -6.21
C ASN B 251 -9.16 -14.05 -6.07
N LEU B 252 -10.34 -14.42 -6.59
CA LEU B 252 -11.52 -13.58 -6.53
C LEU B 252 -12.45 -14.13 -5.45
N LEU B 253 -12.73 -13.34 -4.41
CA LEU B 253 -13.65 -13.72 -3.36
C LEU B 253 -15.00 -13.05 -3.64
N VAL B 254 -16.09 -13.84 -3.58
CA VAL B 254 -17.39 -13.42 -4.01
C VAL B 254 -18.41 -13.75 -2.93
N ALA B 255 -19.17 -12.74 -2.47
CA ALA B 255 -20.23 -12.98 -1.50
C ALA B 255 -21.36 -13.67 -2.25
N ASN B 256 -21.79 -14.81 -1.75
CA ASN B 256 -22.84 -15.57 -2.42
C ASN B 256 -24.07 -15.45 -1.55
N TRP B 257 -24.83 -14.39 -1.81
CA TRP B 257 -25.93 -13.98 -0.96
C TRP B 257 -26.98 -15.08 -0.95
N GLY B 258 -27.36 -15.50 0.26
CA GLY B 258 -28.30 -16.62 0.45
C GLY B 258 -27.71 -17.98 0.65
N SER B 259 -26.45 -18.18 0.27
CA SER B 259 -25.73 -19.45 0.42
C SER B 259 -24.99 -19.69 1.74
N SER B 260 -24.87 -18.67 2.59
CA SER B 260 -23.99 -18.68 3.78
C SER B 260 -22.49 -18.76 3.50
N HIS B 261 -22.08 -18.56 2.27
CA HIS B 261 -20.69 -18.69 1.91
C HIS B 261 -20.19 -17.55 1.09
N ILE B 262 -18.89 -17.27 1.24
CA ILE B 262 -18.10 -16.53 0.26
C ILE B 262 -17.33 -17.57 -0.54
N GLU B 263 -17.38 -17.44 -1.87
CA GLU B 263 -16.72 -18.34 -2.79
C GLU B 263 -15.38 -17.79 -3.17
N VAL B 264 -14.41 -18.66 -3.34
CA VAL B 264 -13.07 -18.26 -3.76
C VAL B 264 -12.71 -18.90 -5.08
N PHE B 265 -12.46 -18.05 -6.09
CA PHE B 265 -12.09 -18.52 -7.39
C PHE B 265 -10.62 -18.21 -7.59
N GLY B 266 -9.91 -19.17 -8.17
CA GLY B 266 -8.57 -18.93 -8.63
C GLY B 266 -8.59 -18.09 -9.88
N PRO B 267 -7.38 -17.73 -10.34
CA PRO B 267 -7.20 -16.98 -11.56
C PRO B 267 -7.82 -17.56 -12.84
N ASP B 268 -8.00 -18.87 -12.95
CA ASP B 268 -8.59 -19.49 -14.14
C ASP B 268 -10.10 -19.64 -14.04
N GLY B 269 -10.71 -19.07 -12.99
CA GLY B 269 -12.13 -19.21 -12.80
C GLY B 269 -12.65 -20.64 -12.58
N GLY B 270 -13.78 -20.93 -13.21
CA GLY B 270 -14.36 -22.27 -13.22
C GLY B 270 -15.20 -22.60 -12.01
N GLN B 271 -14.79 -23.59 -11.21
CA GLN B 271 -15.46 -23.94 -9.99
C GLN B 271 -14.73 -23.23 -8.84
N PRO B 272 -15.42 -22.90 -7.73
CA PRO B 272 -14.66 -22.39 -6.56
C PRO B 272 -13.49 -23.31 -6.20
N LYS B 273 -12.36 -22.76 -5.83
CA LYS B 273 -11.29 -23.58 -5.25
C LYS B 273 -11.43 -23.77 -3.73
N MET B 274 -12.20 -22.90 -3.09
CA MET B 274 -12.38 -22.90 -1.64
C MET B 274 -13.68 -22.17 -1.39
N ARG B 275 -14.35 -22.46 -0.26
CA ARG B 275 -15.49 -21.66 0.19
C ARG B 275 -15.25 -21.21 1.60
N ILE B 276 -15.80 -20.04 1.96
CA ILE B 276 -15.68 -19.55 3.31
C ILE B 276 -17.04 -19.60 3.98
N ARG B 277 -17.23 -20.45 4.97
CA ARG B 277 -18.53 -20.48 5.66
C ARG B 277 -18.68 -19.27 6.56
N CYS B 278 -19.80 -18.57 6.41
CA CYS B 278 -20.15 -17.41 7.24
C CYS B 278 -21.16 -17.84 8.32
N PRO B 279 -21.21 -17.14 9.45
CA PRO B 279 -22.23 -17.43 10.47
C PRO B 279 -23.56 -16.75 10.17
N PHE B 280 -23.85 -16.57 8.90
CA PHE B 280 -25.07 -15.95 8.45
C PHE B 280 -25.26 -16.38 7.02
N GLU B 281 -26.50 -16.26 6.56
CA GLU B 281 -26.91 -16.79 5.25
C GLU B 281 -26.64 -15.80 4.10
N LYS B 282 -26.59 -14.50 4.43
CA LYS B 282 -26.68 -13.44 3.42
C LYS B 282 -25.49 -12.49 3.47
N PRO B 283 -24.28 -13.01 3.21
CA PRO B 283 -23.22 -12.03 2.96
C PRO B 283 -23.57 -11.21 1.73
N ALA B 284 -23.38 -9.88 1.81
CA ALA B 284 -23.69 -8.96 0.67
C ALA B 284 -22.48 -8.32 -0.05
N ASN B 285 -21.54 -7.83 0.74
CA ASN B 285 -20.41 -7.14 0.17
C ASN B 285 -19.20 -7.23 1.09
N LEU B 286 -18.02 -7.01 0.53
CA LEU B 286 -16.84 -7.16 1.27
C LEU B 286 -15.73 -6.28 0.72
N HIS B 287 -14.81 -5.95 1.61
CA HIS B 287 -13.68 -5.07 1.28
C HIS B 287 -12.55 -5.32 2.24
N PHE B 288 -11.31 -5.31 1.76
CA PHE B 288 -10.16 -5.46 2.64
C PHE B 288 -9.77 -4.15 3.32
N LYS B 289 -9.31 -4.27 4.56
CA LYS B 289 -8.61 -3.18 5.22
C LYS B 289 -7.22 -3.13 4.58
N PRO B 290 -6.83 -1.94 4.09
CA PRO B 290 -5.57 -1.80 3.33
C PRO B 290 -4.35 -2.32 4.07
N GLN B 291 -3.44 -2.99 3.35
CA GLN B 291 -2.21 -3.56 3.89
C GLN B 291 -2.47 -4.54 5.05
N THR B 292 -3.57 -5.29 4.96
CA THR B 292 -3.91 -6.27 5.97
C THR B 292 -4.58 -7.45 5.29
N LYS B 293 -4.79 -8.48 6.08
CA LYS B 293 -5.50 -9.67 5.65
C LYS B 293 -6.94 -9.59 6.13
N THR B 294 -7.35 -8.43 6.62
CA THR B 294 -8.62 -8.37 7.31
C THR B 294 -9.70 -7.98 6.31
N ILE B 295 -10.76 -8.76 6.24
CA ILE B 295 -11.88 -8.51 5.34
C ILE B 295 -13.09 -8.07 6.15
N PHE B 296 -13.65 -6.95 5.72
CA PHE B 296 -14.87 -6.46 6.28
C PHE B 296 -15.99 -6.90 5.38
N VAL B 297 -17.04 -7.44 6.00
CA VAL B 297 -18.17 -8.05 5.32
C VAL B 297 -19.49 -7.56 5.87
N THR B 298 -20.36 -7.15 4.97
CA THR B 298 -21.67 -6.73 5.29
C THR B 298 -22.68 -7.84 5.05
N GLU B 299 -23.76 -7.80 5.81
CA GLU B 299 -24.63 -8.97 5.98
C GLU B 299 -26.08 -8.57 6.18
N HIS B 300 -27.01 -9.36 5.67
CA HIS B 300 -28.36 -8.89 5.68
C HIS B 300 -29.28 -9.74 6.55
N ASP B 301 -28.73 -10.66 7.36
CA ASP B 301 -29.55 -11.35 8.40
C ASP B 301 -29.72 -10.40 9.56
N ASN B 302 -28.63 -9.75 9.96
CA ASN B 302 -28.65 -8.89 11.09
C ASN B 302 -28.31 -7.47 10.73
N ASN B 303 -28.22 -7.15 9.43
CA ASN B 303 -27.96 -5.79 8.99
C ASN B 303 -26.75 -5.29 9.70
N ALA B 304 -25.65 -6.07 9.54
CA ALA B 304 -24.48 -5.91 10.34
C ALA B 304 -23.22 -5.95 9.47
N VAL B 305 -22.14 -5.53 10.10
CA VAL B 305 -20.82 -5.54 9.51
C VAL B 305 -19.93 -6.36 10.42
N TRP B 306 -19.21 -7.30 9.84
CA TRP B 306 -18.24 -8.10 10.55
C TRP B 306 -16.87 -8.01 9.89
N LYS B 307 -15.88 -8.53 10.60
CA LYS B 307 -14.54 -8.75 10.07
C LYS B 307 -14.00 -10.17 10.32
N PHE B 308 -13.19 -10.67 9.38
CA PHE B 308 -12.50 -11.94 9.58
C PHE B 308 -11.16 -11.83 8.91
N GLU B 309 -10.21 -12.68 9.31
CA GLU B 309 -8.86 -12.68 8.75
C GLU B 309 -8.77 -13.69 7.63
N TRP B 310 -8.25 -13.23 6.49
CA TRP B 310 -8.04 -14.06 5.34
C TRP B 310 -6.61 -14.57 5.39
N GLN B 311 -6.27 -15.50 4.51
CA GLN B 311 -4.94 -16.13 4.44
C GLN B 311 -3.86 -15.20 3.91
N ARG B 312 -4.27 -14.20 3.15
CA ARG B 312 -3.32 -13.20 2.70
C ARG B 312 -3.93 -11.84 2.53
N ASN B 313 -3.06 -10.87 2.23
CA ASN B 313 -3.51 -9.51 2.08
C ASN B 313 -4.44 -9.37 0.85
N GLY B 314 -5.16 -8.25 0.82
CA GLY B 314 -5.94 -7.89 -0.33
C GLY B 314 -5.09 -7.35 -1.45
N LYS B 315 -5.65 -7.37 -2.65
CA LYS B 315 -5.09 -6.69 -3.77
C LYS B 315 -5.20 -5.18 -3.53
N LYS B 316 -4.17 -4.43 -3.88
CA LYS B 316 -4.24 -2.96 -3.80
C LYS B 316 -5.33 -2.39 -4.67
N GLN B 317 -6.10 -1.50 -4.05
CA GLN B 317 -7.01 -0.69 -4.81
C GLN B 317 -6.26 0.44 -5.54
N TYR B 318 -6.93 1.02 -6.54
CA TYR B 318 -6.45 2.14 -7.30
C TYR B 318 -5.92 3.26 -6.38
N CYS B 319 -6.64 3.53 -5.29
CA CYS B 319 -6.24 4.61 -4.39
C CYS B 319 -4.90 4.42 -3.73
N GLU B 320 -4.41 3.18 -3.68
CA GLU B 320 -3.15 2.88 -3.05
C GLU B 320 -1.98 2.88 -4.04
N THR B 321 -2.26 3.09 -5.33
CA THR B 321 -1.19 3.22 -6.33
C THR B 321 -0.67 4.70 -6.38
N SER B 322 0.33 4.96 -7.23
CA SER B 322 1.12 6.22 -7.14
C SER B 322 0.65 7.22 -8.16
N LYS B 323 0.58 8.48 -7.73
CA LYS B 323 0.23 9.61 -8.60
C LYS B 323 1.16 9.72 -9.83
N PHE B 324 2.39 9.21 -9.74
CA PHE B 324 3.41 9.34 -10.81
C PHE B 324 3.09 8.69 -12.17
N GLY B 325 2.84 7.39 -12.18
CA GLY B 325 2.55 6.72 -13.44
C GLY B 325 3.73 6.76 -14.40
N ILE B 326 3.47 6.54 -15.68
CA ILE B 326 4.50 6.09 -16.64
C ILE B 326 5.67 7.04 -16.99
N PHE B 327 5.63 8.30 -16.56
CA PHE B 327 6.68 9.27 -16.99
C PHE B 327 7.03 10.47 -16.07
N GLY B 328 6.29 10.68 -14.98
CA GLY B 328 6.37 11.94 -14.22
C GLY B 328 4.98 12.29 -13.73
N SER B 329 4.89 13.17 -12.73
CA SER B 329 3.68 13.30 -11.88
C SER B 329 2.34 13.59 -12.59
N LEU B 330 1.44 12.62 -12.55
CA LEU B 330 0.11 12.76 -13.18
C LEU B 330 -0.78 13.72 -12.39
#